data_2H1F
#
_entry.id   2H1F
#
_cell.length_a   78.860
_cell.length_b   88.860
_cell.length_c   89.800
_cell.angle_alpha   90.00
_cell.angle_beta   90.00
_cell.angle_gamma   90.00
#
_symmetry.space_group_name_H-M   'P 21 21 21'
#
loop_
_entity.id
_entity.type
_entity.pdbx_description
1 polymer 'Lipopolysaccharide heptosyltransferase-1'
2 non-polymer "ADENOSINE-5'-DIPHOSPHATE"
3 water water
#
_entity_poly.entity_id   1
_entity_poly.type   'polypeptide(L)'
_entity_poly.pdbx_seq_one_letter_code
;MRVLIVKTSSMGDVLHTLPALTDAQQAIPGIKFDWVVEEGFAQIPSWHAAVERVIPVAIRRWRKAWFSAPIKAERKAFRE
ALQAKNYDAVIDAQGLVKSAALVTRLAHGVKHGMDWQTAREPLASLFYNRKHHIAKQQHAVERTRELFAKSLGYSKPQTQ
GDYAIAQHFLTNLPTDAGEYAVFLHATTRDDKHWPEEHWRELIGLLADSGIRIKLPWGAPHEEERAKRLAEGFAYVEVLP
KMSLEGVARVLAGAKFVVSVDTGLSHLTAALDRPNITVYGPTDPGLIGGYGKNQMVCRAPGNELSQLTANAVKQFIEENA
EKAAMILEHHHHHH
;
_entity_poly.pdbx_strand_id   A,B
#
loop_
_chem_comp.id
_chem_comp.type
_chem_comp.name
_chem_comp.formula
ADP non-polymer ADENOSINE-5'-DIPHOSPHATE 'C10 H15 N5 O10 P2'
#
# COMPACT_ATOMS: atom_id res chain seq x y z
N MET A 1 38.79 -13.31 -13.56
CA MET A 1 37.41 -13.66 -13.99
C MET A 1 36.68 -12.45 -14.55
N ARG A 2 36.15 -12.60 -15.76
CA ARG A 2 35.41 -11.51 -16.40
C ARG A 2 34.04 -12.04 -16.81
N VAL A 3 33.00 -11.43 -16.27
CA VAL A 3 31.64 -11.86 -16.53
C VAL A 3 30.82 -10.84 -17.34
N LEU A 4 29.95 -11.36 -18.18
CA LEU A 4 29.06 -10.54 -19.01
C LEU A 4 27.62 -10.65 -18.47
N ILE A 5 27.00 -9.49 -18.25
CA ILE A 5 25.63 -9.38 -17.75
C ILE A 5 24.64 -8.94 -18.84
N VAL A 6 23.50 -9.61 -18.94
CA VAL A 6 22.48 -9.21 -19.91
C VAL A 6 21.29 -8.83 -19.03
N LYS A 7 21.08 -7.53 -18.92
CA LYS A 7 20.02 -6.95 -18.10
C LYS A 7 19.92 -5.55 -18.68
N THR A 8 19.12 -5.45 -19.73
CA THR A 8 18.97 -4.22 -20.49
C THR A 8 17.92 -3.22 -20.08
N SER A 9 16.74 -3.71 -19.75
CA SER A 9 15.69 -2.78 -19.51
C SER A 9 14.86 -2.75 -18.26
N SER A 10 14.38 -1.53 -18.09
CA SER A 10 13.59 -1.01 -17.00
C SER A 10 14.68 -0.49 -16.11
N MET A 11 14.70 0.83 -15.91
CA MET A 11 15.70 1.45 -15.07
C MET A 11 15.72 0.67 -13.77
N GLY A 12 14.55 0.52 -13.17
CA GLY A 12 14.44 -0.22 -11.94
C GLY A 12 15.11 -1.58 -11.99
N ASP A 13 14.79 -2.37 -13.01
CA ASP A 13 15.38 -3.70 -13.13
C ASP A 13 16.89 -3.58 -13.24
N VAL A 14 17.37 -2.57 -13.94
CA VAL A 14 18.81 -2.44 -14.06
C VAL A 14 19.39 -2.17 -12.67
N LEU A 15 18.81 -1.20 -11.98
CA LEU A 15 19.26 -0.81 -10.64
C LEU A 15 19.22 -1.94 -9.61
N HIS A 16 18.20 -2.78 -9.66
CA HIS A 16 18.04 -3.89 -8.72
C HIS A 16 19.10 -4.94 -8.92
N THR A 17 19.83 -4.84 -10.03
CA THR A 17 20.87 -5.79 -10.32
C THR A 17 22.17 -5.48 -9.63
N LEU A 18 22.38 -4.20 -9.29
CA LEU A 18 23.62 -3.76 -8.66
C LEU A 18 24.08 -4.53 -7.41
N PRO A 19 23.15 -4.83 -6.46
CA PRO A 19 23.52 -5.57 -5.26
C PRO A 19 24.19 -6.93 -5.56
N ALA A 20 23.85 -7.51 -6.71
CA ALA A 20 24.43 -8.81 -7.07
C ALA A 20 25.90 -8.68 -7.47
N LEU A 21 26.24 -7.58 -8.15
CA LEU A 21 27.61 -7.36 -8.54
C LEU A 21 28.45 -7.15 -7.27
N THR A 22 27.88 -6.47 -6.30
CA THR A 22 28.60 -6.21 -5.06
C THR A 22 28.90 -7.52 -4.35
N ASP A 23 27.93 -8.44 -4.28
CA ASP A 23 28.18 -9.73 -3.62
C ASP A 23 29.32 -10.43 -4.34
N ALA A 24 29.26 -10.45 -5.67
CA ALA A 24 30.28 -11.13 -6.46
C ALA A 24 31.69 -10.59 -6.25
N GLN A 25 31.83 -9.28 -6.25
CA GLN A 25 33.12 -8.64 -6.08
C GLN A 25 33.70 -8.98 -4.70
N GLN A 26 32.85 -9.02 -3.69
CA GLN A 26 33.28 -9.34 -2.34
C GLN A 26 33.68 -10.80 -2.21
N ALA A 27 33.02 -11.69 -2.94
CA ALA A 27 33.34 -13.12 -2.85
C ALA A 27 34.42 -13.55 -3.85
N ILE A 28 34.52 -12.83 -4.95
CA ILE A 28 35.50 -13.15 -5.99
C ILE A 28 36.32 -11.91 -6.36
N PRO A 29 37.40 -11.65 -5.60
CA PRO A 29 38.27 -10.49 -5.84
C PRO A 29 38.78 -10.42 -7.29
N GLY A 30 38.83 -9.22 -7.84
CA GLY A 30 39.33 -9.08 -9.19
C GLY A 30 38.32 -9.35 -10.29
N ILE A 31 37.13 -9.81 -9.91
CA ILE A 31 36.09 -10.09 -10.90
C ILE A 31 35.59 -8.78 -11.50
N LYS A 32 35.45 -8.76 -12.82
CA LYS A 32 34.96 -7.56 -13.48
C LYS A 32 33.78 -7.93 -14.36
N PHE A 33 32.86 -6.99 -14.53
CA PHE A 33 31.69 -7.22 -15.33
C PHE A 33 31.55 -6.26 -16.50
N ASP A 34 31.01 -6.79 -17.59
CA ASP A 34 30.69 -6.00 -18.77
C ASP A 34 29.18 -6.07 -18.67
N TRP A 35 28.50 -5.06 -19.15
CA TRP A 35 27.06 -5.04 -19.00
C TRP A 35 26.37 -4.58 -20.28
N VAL A 36 25.49 -5.41 -20.83
CA VAL A 36 24.74 -5.01 -22.01
C VAL A 36 23.49 -4.33 -21.46
N VAL A 37 23.30 -3.08 -21.82
CA VAL A 37 22.17 -2.34 -21.28
C VAL A 37 21.56 -1.38 -22.28
N GLU A 38 20.27 -1.09 -22.08
CA GLU A 38 19.57 -0.15 -22.94
C GLU A 38 20.29 1.17 -22.90
N GLU A 39 20.48 1.77 -24.07
CA GLU A 39 21.17 3.06 -24.17
C GLU A 39 20.74 4.12 -23.17
N GLY A 40 19.43 4.23 -22.92
CA GLY A 40 18.95 5.21 -21.96
C GLY A 40 19.46 5.05 -20.52
N PHE A 41 19.95 3.86 -20.18
CA PHE A 41 20.43 3.60 -18.82
C PHE A 41 21.91 3.27 -18.79
N ALA A 42 22.56 3.43 -19.93
CA ALA A 42 23.98 3.12 -20.04
C ALA A 42 24.88 3.68 -18.96
N GLN A 43 24.53 4.82 -18.38
CA GLN A 43 25.40 5.40 -17.34
C GLN A 43 25.32 4.68 -15.99
N ILE A 44 24.19 4.03 -15.70
CA ILE A 44 24.02 3.37 -14.41
C ILE A 44 25.08 2.35 -14.02
N PRO A 45 25.43 1.41 -14.93
CA PRO A 45 26.45 0.41 -14.58
C PRO A 45 27.85 0.99 -14.37
N SER A 46 28.14 2.12 -15.02
CA SER A 46 29.48 2.70 -14.87
C SER A 46 29.73 3.22 -13.45
N TRP A 47 28.67 3.36 -12.66
CA TRP A 47 28.81 3.86 -11.30
C TRP A 47 29.29 2.79 -10.35
N HIS A 48 29.18 1.53 -10.75
CA HIS A 48 29.61 0.44 -9.89
C HIS A 48 31.09 0.16 -10.14
N ALA A 49 31.83 -0.07 -9.06
CA ALA A 49 33.27 -0.33 -9.15
C ALA A 49 33.68 -1.62 -9.87
N ALA A 50 32.81 -2.62 -9.89
CA ALA A 50 33.11 -3.90 -10.53
C ALA A 50 32.83 -3.92 -12.03
N VAL A 51 32.31 -2.82 -12.57
CA VAL A 51 31.99 -2.76 -13.98
C VAL A 51 33.10 -2.20 -14.88
N GLU A 52 33.37 -2.91 -15.97
CA GLU A 52 34.38 -2.49 -16.93
C GLU A 52 33.72 -1.89 -18.17
N ARG A 53 33.33 -2.75 -19.10
CA ARG A 53 32.68 -2.31 -20.33
C ARG A 53 31.17 -2.28 -20.26
N VAL A 54 30.61 -1.20 -20.79
CA VAL A 54 29.16 -1.02 -20.84
C VAL A 54 28.85 -1.10 -22.31
N ILE A 55 27.98 -2.03 -22.69
CA ILE A 55 27.63 -2.20 -24.10
C ILE A 55 26.16 -1.91 -24.31
N PRO A 56 25.86 -0.73 -24.84
CA PRO A 56 24.50 -0.27 -25.10
C PRO A 56 23.78 -0.88 -26.28
N VAL A 57 22.50 -1.17 -26.09
CA VAL A 57 21.65 -1.71 -27.13
C VAL A 57 20.45 -0.76 -27.17
N ALA A 58 19.68 -0.82 -28.25
CA ALA A 58 18.52 0.03 -28.38
C ALA A 58 17.52 -0.79 -29.17
N ILE A 59 17.08 -1.87 -28.57
CA ILE A 59 16.14 -2.79 -29.20
C ILE A 59 14.88 -2.14 -29.73
N ARG A 60 14.18 -1.39 -28.89
CA ARG A 60 12.92 -0.76 -29.28
C ARG A 60 13.09 0.25 -30.40
N ARG A 61 14.12 1.07 -30.31
CA ARG A 61 14.34 2.08 -31.33
C ARG A 61 14.74 1.36 -32.62
N TRP A 62 15.64 0.40 -32.49
CA TRP A 62 16.10 -0.37 -33.64
C TRP A 62 14.97 -1.15 -34.30
N ARG A 63 14.01 -1.62 -33.50
CA ARG A 63 12.90 -2.39 -34.03
C ARG A 63 12.06 -1.58 -35.02
N LYS A 64 12.11 -0.26 -34.93
CA LYS A 64 11.35 0.59 -35.85
C LYS A 64 12.29 1.03 -36.97
N ALA A 65 12.53 0.12 -37.92
CA ALA A 65 13.42 0.31 -39.08
C ALA A 65 14.66 -0.56 -38.90
N TRP A 66 14.42 -1.82 -38.55
CA TRP A 66 15.48 -2.77 -38.29
C TRP A 66 16.49 -3.01 -39.42
N PHE A 67 16.06 -2.87 -40.66
CA PHE A 67 16.99 -3.11 -41.77
C PHE A 67 17.49 -1.87 -42.51
N SER A 68 17.37 -0.72 -41.88
CA SER A 68 17.85 0.51 -42.48
C SER A 68 19.37 0.54 -42.33
N ALA A 69 20.07 1.12 -43.32
CA ALA A 69 21.53 1.19 -43.28
C ALA A 69 22.06 1.82 -42.00
N PRO A 70 21.39 2.88 -41.50
CA PRO A 70 21.86 3.55 -40.27
C PRO A 70 21.85 2.60 -39.08
N ILE A 71 20.74 1.89 -38.92
CA ILE A 71 20.57 0.94 -37.84
C ILE A 71 21.46 -0.29 -38.05
N LYS A 72 21.49 -0.78 -39.29
CA LYS A 72 22.30 -1.93 -39.66
C LYS A 72 23.72 -1.67 -39.17
N ALA A 73 24.15 -0.42 -39.30
CA ALA A 73 25.49 -0.03 -38.85
C ALA A 73 25.58 -0.16 -37.34
N GLU A 74 24.64 0.45 -36.63
CA GLU A 74 24.62 0.40 -35.18
C GLU A 74 24.60 -1.04 -34.69
N ARG A 75 23.71 -1.84 -35.28
CA ARG A 75 23.61 -3.24 -34.91
C ARG A 75 24.91 -3.99 -35.18
N LYS A 76 25.59 -3.65 -36.27
CA LYS A 76 26.84 -4.33 -36.60
C LYS A 76 27.91 -3.95 -35.58
N ALA A 77 27.91 -2.69 -35.16
CA ALA A 77 28.89 -2.24 -34.17
C ALA A 77 28.58 -2.88 -32.82
N PHE A 78 27.30 -3.11 -32.56
CA PHE A 78 26.87 -3.74 -31.33
C PHE A 78 27.33 -5.20 -31.22
N ARG A 79 27.00 -6.01 -32.23
CA ARG A 79 27.37 -7.42 -32.24
C ARG A 79 28.88 -7.58 -32.12
N GLU A 80 29.62 -6.71 -32.79
CA GLU A 80 31.07 -6.76 -32.72
C GLU A 80 31.58 -6.41 -31.34
N ALA A 81 30.89 -5.50 -30.68
CA ALA A 81 31.29 -5.11 -29.34
C ALA A 81 30.94 -6.27 -28.41
N LEU A 82 29.74 -6.84 -28.59
CA LEU A 82 29.29 -7.94 -27.77
C LEU A 82 30.19 -9.17 -27.87
N GLN A 83 30.60 -9.51 -29.08
CA GLN A 83 31.42 -10.70 -29.32
C GLN A 83 32.93 -10.49 -29.25
N ALA A 84 33.34 -9.30 -28.83
CA ALA A 84 34.77 -9.00 -28.76
C ALA A 84 35.49 -9.89 -27.77
N LYS A 85 34.94 -10.00 -26.58
CA LYS A 85 35.59 -10.80 -25.53
C LYS A 85 35.01 -12.19 -25.27
N ASN A 86 35.84 -13.05 -24.72
CA ASN A 86 35.39 -14.39 -24.39
C ASN A 86 35.26 -14.42 -22.87
N TYR A 87 34.03 -14.55 -22.40
CA TYR A 87 33.74 -14.54 -20.97
C TYR A 87 33.78 -15.86 -20.21
N ASP A 88 34.11 -15.75 -18.92
CA ASP A 88 34.15 -16.92 -18.06
C ASP A 88 32.71 -17.28 -17.72
N ALA A 89 31.81 -16.34 -17.96
CA ALA A 89 30.40 -16.54 -17.71
C ALA A 89 29.58 -15.37 -18.22
N VAL A 90 28.41 -15.70 -18.75
CA VAL A 90 27.46 -14.71 -19.26
C VAL A 90 26.25 -14.98 -18.36
N ILE A 91 25.72 -13.93 -17.76
CA ILE A 91 24.57 -14.11 -16.88
C ILE A 91 23.41 -13.27 -17.40
N ASP A 92 22.35 -13.97 -17.79
CA ASP A 92 21.14 -13.34 -18.30
C ASP A 92 20.24 -13.18 -17.07
N ALA A 93 20.12 -11.95 -16.58
CA ALA A 93 19.30 -11.69 -15.42
C ALA A 93 17.94 -11.13 -15.83
N GLN A 94 17.62 -11.26 -17.11
CA GLN A 94 16.38 -10.72 -17.65
C GLN A 94 15.32 -11.81 -17.84
N GLY A 95 15.73 -12.95 -18.36
CA GLY A 95 14.79 -14.04 -18.57
C GLY A 95 13.67 -13.76 -19.55
N LEU A 96 14.00 -13.07 -20.63
CA LEU A 96 13.03 -12.76 -21.70
C LEU A 96 13.64 -13.30 -22.99
N VAL A 97 12.80 -13.93 -23.80
CA VAL A 97 13.23 -14.53 -25.07
C VAL A 97 13.93 -13.54 -25.99
N LYS A 98 13.33 -12.36 -26.13
CA LYS A 98 13.84 -11.31 -26.99
C LYS A 98 15.32 -10.96 -26.78
N SER A 99 15.69 -10.65 -25.55
CA SER A 99 17.07 -10.31 -25.27
C SER A 99 17.94 -11.55 -25.22
N ALA A 100 17.33 -12.70 -24.92
CA ALA A 100 18.08 -13.96 -24.89
C ALA A 100 18.48 -14.34 -26.32
N ALA A 101 17.57 -14.13 -27.27
CA ALA A 101 17.84 -14.49 -28.66
C ALA A 101 18.69 -13.46 -29.38
N LEU A 102 18.58 -12.20 -28.96
CA LEU A 102 19.33 -11.14 -29.60
C LEU A 102 20.69 -10.87 -28.96
N VAL A 103 20.77 -10.97 -27.63
CA VAL A 103 22.02 -10.70 -26.93
C VAL A 103 22.72 -11.95 -26.40
N THR A 104 22.15 -12.57 -25.38
CA THR A 104 22.71 -13.76 -24.75
C THR A 104 23.23 -14.79 -25.72
N ARG A 105 22.38 -15.17 -26.68
CA ARG A 105 22.72 -16.16 -27.69
C ARG A 105 24.04 -15.90 -28.40
N LEU A 106 24.31 -14.63 -28.69
CA LEU A 106 25.52 -14.26 -29.43
C LEU A 106 26.81 -14.08 -28.64
N ALA A 107 26.74 -14.11 -27.31
CA ALA A 107 27.93 -13.93 -26.48
C ALA A 107 28.83 -15.17 -26.40
N HIS A 108 30.14 -14.95 -26.26
CA HIS A 108 31.08 -16.07 -26.15
C HIS A 108 31.28 -16.38 -24.67
N GLY A 109 30.86 -17.58 -24.25
CA GLY A 109 31.01 -17.98 -22.86
C GLY A 109 29.85 -18.80 -22.33
N VAL A 110 30.03 -19.51 -21.23
CA VAL A 110 28.95 -20.30 -20.65
C VAL A 110 27.82 -19.32 -20.25
N LYS A 111 26.61 -19.61 -20.73
CA LYS A 111 25.47 -18.75 -20.45
C LYS A 111 24.61 -19.27 -19.32
N HIS A 112 24.42 -18.42 -18.33
CA HIS A 112 23.62 -18.75 -17.18
C HIS A 112 22.34 -17.91 -17.20
N GLY A 113 21.26 -18.51 -16.69
CA GLY A 113 20.00 -17.81 -16.64
C GLY A 113 19.00 -18.60 -15.84
N MET A 114 17.79 -18.06 -15.73
CA MET A 114 16.74 -18.72 -14.96
C MET A 114 16.14 -19.89 -15.75
N ASP A 115 15.77 -20.95 -15.05
CA ASP A 115 15.23 -22.12 -15.69
C ASP A 115 13.79 -21.95 -16.15
N TRP A 116 13.26 -22.98 -16.82
CA TRP A 116 11.89 -22.98 -17.34
C TRP A 116 10.86 -22.57 -16.31
N GLN A 117 11.03 -23.04 -15.08
CA GLN A 117 10.09 -22.74 -14.01
C GLN A 117 10.13 -21.31 -13.51
N THR A 118 11.32 -20.69 -13.49
CA THR A 118 11.44 -19.36 -12.93
C THR A 118 11.75 -18.16 -13.84
N ALA A 119 12.01 -18.39 -15.12
CA ALA A 119 12.28 -17.29 -16.03
C ALA A 119 10.98 -16.55 -16.32
N ARG A 120 11.09 -15.24 -16.55
CA ARG A 120 9.93 -14.42 -16.87
C ARG A 120 9.14 -15.09 -18.01
N GLU A 121 9.86 -15.50 -19.06
CA GLU A 121 9.25 -16.21 -20.18
C GLU A 121 10.02 -17.53 -20.26
N PRO A 122 9.40 -18.63 -19.78
CA PRO A 122 9.97 -19.99 -19.76
C PRO A 122 10.86 -20.39 -20.94
N LEU A 123 10.40 -20.12 -22.15
CA LEU A 123 11.18 -20.46 -23.33
C LEU A 123 12.57 -19.82 -23.35
N ALA A 124 12.75 -18.74 -22.58
CA ALA A 124 14.04 -18.05 -22.51
C ALA A 124 15.11 -18.98 -21.93
N SER A 125 14.70 -19.95 -21.14
CA SER A 125 15.66 -20.88 -20.55
C SER A 125 16.38 -21.71 -21.60
N LEU A 126 15.73 -21.98 -22.72
CA LEU A 126 16.34 -22.81 -23.75
C LEU A 126 17.62 -22.24 -24.32
N PHE A 127 17.85 -20.95 -24.08
CA PHE A 127 19.04 -20.29 -24.62
C PHE A 127 20.23 -20.28 -23.67
N TYR A 128 20.11 -20.94 -22.52
CA TYR A 128 21.22 -20.95 -21.57
C TYR A 128 21.91 -22.32 -21.50
N ASN A 129 23.16 -22.32 -21.05
CA ASN A 129 23.91 -23.58 -20.90
C ASN A 129 23.62 -24.12 -19.50
N ARG A 130 23.41 -23.20 -18.56
CA ARG A 130 23.11 -23.54 -17.17
C ARG A 130 21.79 -22.87 -16.78
N LYS A 131 20.77 -23.69 -16.48
CA LYS A 131 19.48 -23.15 -16.06
C LYS A 131 19.38 -23.25 -14.54
N HIS A 132 19.24 -22.12 -13.87
CA HIS A 132 19.16 -22.09 -12.41
C HIS A 132 17.73 -21.84 -11.91
N HIS A 133 17.35 -22.49 -10.81
CA HIS A 133 16.01 -22.30 -10.26
C HIS A 133 16.03 -21.16 -9.25
N ILE A 134 15.42 -20.05 -9.61
CA ILE A 134 15.38 -18.86 -8.75
C ILE A 134 13.93 -18.63 -8.36
N ALA A 135 13.61 -18.91 -7.09
CA ALA A 135 12.26 -18.76 -6.56
C ALA A 135 11.66 -17.39 -6.88
N LYS A 136 10.42 -17.42 -7.37
CA LYS A 136 9.70 -16.23 -7.74
C LYS A 136 9.20 -15.35 -6.61
N GLN A 137 8.87 -15.94 -5.46
CA GLN A 137 8.33 -15.13 -4.37
C GLN A 137 9.33 -14.47 -3.42
N GLN A 138 10.10 -13.54 -3.96
CA GLN A 138 11.08 -12.78 -3.19
C GLN A 138 11.41 -11.54 -4.00
N HIS A 139 12.04 -10.55 -3.39
CA HIS A 139 12.35 -9.33 -4.12
C HIS A 139 13.30 -9.57 -5.29
N ALA A 140 13.11 -8.79 -6.35
CA ALA A 140 13.92 -8.90 -7.55
C ALA A 140 15.43 -8.80 -7.24
N VAL A 141 15.78 -7.94 -6.27
CA VAL A 141 17.18 -7.79 -5.87
C VAL A 141 17.72 -9.11 -5.33
N GLU A 142 16.92 -9.80 -4.52
CA GLU A 142 17.33 -11.07 -3.95
C GLU A 142 17.43 -12.15 -5.00
N ARG A 143 16.44 -12.18 -5.91
CA ARG A 143 16.45 -13.18 -6.95
C ARG A 143 17.72 -13.08 -7.78
N THR A 144 18.08 -11.84 -8.15
CA THR A 144 19.28 -11.62 -8.96
C THR A 144 20.54 -11.96 -8.17
N ARG A 145 20.49 -11.78 -6.85
CA ARG A 145 21.66 -12.10 -6.02
C ARG A 145 21.84 -13.60 -6.03
N GLU A 146 20.73 -14.31 -5.94
CA GLU A 146 20.71 -15.77 -5.96
C GLU A 146 21.25 -16.27 -7.29
N LEU A 147 20.86 -15.61 -8.37
CA LEU A 147 21.28 -15.97 -9.72
C LEU A 147 22.78 -15.84 -9.88
N PHE A 148 23.31 -14.66 -9.53
CA PHE A 148 24.74 -14.42 -9.62
C PHE A 148 25.48 -15.43 -8.75
N ALA A 149 24.92 -15.70 -7.57
CA ALA A 149 25.54 -16.62 -6.61
C ALA A 149 25.63 -18.05 -7.12
N LYS A 150 24.54 -18.54 -7.69
CA LYS A 150 24.53 -19.89 -8.21
C LYS A 150 25.38 -20.00 -9.47
N SER A 151 25.44 -18.92 -10.25
CA SER A 151 26.21 -18.93 -11.48
C SER A 151 27.71 -18.88 -11.28
N LEU A 152 28.15 -18.20 -10.22
CA LEU A 152 29.58 -18.02 -9.96
C LEU A 152 30.19 -18.94 -8.91
N GLY A 153 29.36 -19.74 -8.25
CA GLY A 153 29.89 -20.67 -7.26
C GLY A 153 30.19 -20.12 -5.89
N TYR A 154 29.31 -19.29 -5.34
CA TYR A 154 29.51 -18.77 -4.00
C TYR A 154 28.14 -18.67 -3.36
N SER A 155 28.08 -18.73 -2.03
CA SER A 155 26.79 -18.66 -1.33
C SER A 155 26.40 -17.22 -1.12
N LYS A 156 25.14 -16.90 -1.41
CA LYS A 156 24.64 -15.53 -1.26
C LYS A 156 24.75 -15.10 0.20
N PRO A 157 25.37 -13.93 0.47
CA PRO A 157 25.52 -13.41 1.83
C PRO A 157 24.15 -13.13 2.43
N GLN A 158 24.04 -13.36 3.73
CA GLN A 158 22.77 -13.13 4.44
C GLN A 158 22.54 -11.67 4.79
N THR A 159 23.53 -10.82 4.50
CA THR A 159 23.37 -9.40 4.78
C THR A 159 22.48 -8.76 3.72
N GLN A 160 21.99 -7.56 4.01
CA GLN A 160 21.14 -6.85 3.06
C GLN A 160 21.97 -6.43 1.84
N GLY A 161 21.38 -6.54 0.65
CA GLY A 161 22.10 -6.17 -0.56
C GLY A 161 22.59 -4.73 -0.58
N ASP A 162 23.79 -4.51 -1.11
CA ASP A 162 24.34 -3.17 -1.20
C ASP A 162 24.60 -2.79 -2.66
N TYR A 163 23.84 -1.81 -3.16
CA TYR A 163 23.95 -1.32 -4.52
C TYR A 163 25.36 -0.79 -4.82
N ALA A 164 25.98 -0.18 -3.81
CA ALA A 164 27.33 0.34 -3.95
C ALA A 164 27.55 1.32 -5.10
N ILE A 165 26.62 2.22 -5.34
CA ILE A 165 26.84 3.20 -6.39
C ILE A 165 26.93 4.58 -5.74
N ALA A 166 26.51 4.68 -4.50
CA ALA A 166 26.55 5.96 -3.79
C ALA A 166 27.97 6.49 -3.77
N GLN A 167 28.93 5.62 -3.49
CA GLN A 167 30.33 6.03 -3.41
C GLN A 167 30.83 6.82 -4.58
N HIS A 168 30.24 6.59 -5.75
CA HIS A 168 30.61 7.28 -6.98
C HIS A 168 30.28 8.77 -6.94
N PHE A 169 29.32 9.16 -6.11
CA PHE A 169 28.88 10.54 -6.01
C PHE A 169 29.32 11.29 -4.76
N LEU A 170 29.63 10.55 -3.71
CA LEU A 170 30.03 11.15 -2.45
C LEU A 170 31.33 11.95 -2.56
N THR A 171 32.12 11.66 -3.58
CA THR A 171 33.36 12.36 -3.80
C THR A 171 33.10 13.77 -4.31
N ASN A 172 31.99 13.97 -5.01
CA ASN A 172 31.65 15.28 -5.56
C ASN A 172 30.18 15.69 -5.36
N LEU A 173 29.69 15.53 -4.13
CA LEU A 173 28.31 15.88 -3.78
C LEU A 173 28.01 17.36 -3.97
N PRO A 174 26.76 17.70 -4.30
CA PRO A 174 26.41 19.12 -4.47
C PRO A 174 26.78 19.87 -3.20
N THR A 175 27.12 21.15 -3.36
CA THR A 175 27.51 21.98 -2.23
C THR A 175 26.41 22.04 -1.17
N ASP A 176 25.15 22.20 -1.61
CA ASP A 176 24.02 22.29 -0.69
C ASP A 176 23.41 20.97 -0.25
N ALA A 177 24.19 19.90 -0.27
CA ALA A 177 23.67 18.59 0.12
C ALA A 177 23.13 18.59 1.54
N GLY A 178 21.90 18.09 1.68
CA GLY A 178 21.27 18.02 2.98
C GLY A 178 20.38 19.21 3.28
N GLU A 179 20.51 20.26 2.47
CA GLU A 179 19.70 21.46 2.67
C GLU A 179 18.34 21.35 1.97
N TYR A 180 18.19 20.30 1.17
CA TYR A 180 16.97 20.12 0.40
C TYR A 180 16.45 18.69 0.32
N ALA A 181 15.24 18.59 -0.23
CA ALA A 181 14.56 17.33 -0.43
C ALA A 181 14.21 17.36 -1.91
N VAL A 182 14.00 16.19 -2.49
CA VAL A 182 13.64 16.10 -3.90
C VAL A 182 12.28 15.42 -4.00
N PHE A 183 11.38 16.00 -4.81
CA PHE A 183 10.06 15.43 -5.01
C PHE A 183 9.96 14.86 -6.41
N LEU A 184 9.80 13.55 -6.50
CA LEU A 184 9.69 12.89 -7.79
C LEU A 184 8.21 12.73 -8.07
N HIS A 185 7.70 13.57 -8.95
CA HIS A 185 6.29 13.58 -9.28
C HIS A 185 5.97 12.96 -10.62
N ALA A 186 7.01 12.77 -11.44
CA ALA A 186 6.77 12.26 -12.78
C ALA A 186 6.87 10.77 -12.98
N THR A 187 5.86 10.22 -13.63
CA THR A 187 5.84 8.81 -13.96
C THR A 187 5.11 8.64 -15.29
N THR A 188 4.74 7.42 -15.67
CA THR A 188 4.10 7.17 -16.96
C THR A 188 2.60 6.97 -17.03
N ARG A 189 1.99 6.51 -15.96
CA ARG A 189 0.55 6.30 -16.00
C ARG A 189 -0.22 7.35 -15.21
N ASP A 190 -1.33 7.82 -15.79
CA ASP A 190 -2.16 8.84 -15.15
C ASP A 190 -2.50 8.49 -13.70
N ASP A 191 -2.96 7.26 -13.47
CA ASP A 191 -3.35 6.86 -12.12
C ASP A 191 -2.20 6.70 -11.13
N LYS A 192 -0.96 6.67 -11.60
CA LYS A 192 0.20 6.54 -10.71
C LYS A 192 0.68 7.90 -10.18
N HIS A 193 0.17 8.98 -10.74
CA HIS A 193 0.55 10.32 -10.31
C HIS A 193 -0.23 10.73 -9.09
N TRP A 194 0.42 11.46 -8.19
CA TRP A 194 -0.25 11.96 -7.00
C TRP A 194 -0.77 13.29 -7.54
N PRO A 195 -2.07 13.56 -7.40
CA PRO A 195 -2.65 14.82 -7.89
C PRO A 195 -1.85 16.06 -7.51
N GLU A 196 -1.62 16.93 -8.48
CA GLU A 196 -0.85 18.16 -8.27
C GLU A 196 -1.31 18.90 -7.01
N GLU A 197 -2.62 19.04 -6.87
CA GLU A 197 -3.21 19.72 -5.74
C GLU A 197 -2.58 19.23 -4.45
N HIS A 198 -2.43 17.92 -4.33
CA HIS A 198 -1.84 17.35 -3.13
C HIS A 198 -0.35 17.64 -3.02
N TRP A 199 0.36 17.63 -4.12
CA TRP A 199 1.78 17.94 -4.06
C TRP A 199 1.95 19.33 -3.47
N ARG A 200 1.22 20.29 -4.02
CA ARG A 200 1.33 21.67 -3.52
C ARG A 200 0.98 21.78 -2.04
N GLU A 201 0.01 21.01 -1.60
CA GLU A 201 -0.37 21.08 -0.20
C GLU A 201 0.77 20.59 0.68
N LEU A 202 1.45 19.55 0.20
CA LEU A 202 2.58 18.98 0.92
C LEU A 202 3.68 20.02 0.95
N ILE A 203 3.97 20.60 -0.22
CA ILE A 203 5.00 21.63 -0.32
C ILE A 203 4.64 22.73 0.67
N GLY A 204 3.39 23.15 0.63
CA GLY A 204 2.93 24.19 1.54
C GLY A 204 3.19 23.88 3.01
N LEU A 205 2.89 22.67 3.44
CA LEU A 205 3.09 22.26 4.82
C LEU A 205 4.52 22.41 5.31
N LEU A 206 5.47 22.48 4.37
CA LEU A 206 6.87 22.58 4.73
C LEU A 206 7.42 24.00 4.62
N ALA A 207 6.56 24.91 4.14
CA ALA A 207 6.93 26.32 3.96
C ALA A 207 7.80 26.90 5.07
N ASP A 208 7.35 26.75 6.32
CA ASP A 208 8.12 27.31 7.42
C ASP A 208 9.19 26.44 8.07
N SER A 209 9.42 25.26 7.52
CA SER A 209 10.43 24.35 8.07
C SER A 209 11.83 24.88 7.86
N GLY A 210 12.07 25.47 6.68
CA GLY A 210 13.39 26.00 6.37
C GLY A 210 14.09 25.13 5.34
N ILE A 211 13.40 24.07 4.92
CA ILE A 211 13.94 23.15 3.93
C ILE A 211 13.69 23.69 2.51
N ARG A 212 14.51 23.26 1.56
CA ARG A 212 14.28 23.64 0.18
C ARG A 212 13.92 22.36 -0.58
N ILE A 213 13.14 22.52 -1.65
CA ILE A 213 12.69 21.39 -2.44
C ILE A 213 13.03 21.56 -3.92
N LYS A 214 13.59 20.51 -4.53
CA LYS A 214 13.97 20.54 -5.94
C LYS A 214 13.12 19.57 -6.73
N LEU A 215 12.59 20.05 -7.86
CA LEU A 215 11.74 19.22 -8.71
C LEU A 215 12.39 18.85 -10.04
N PRO A 216 12.64 17.56 -10.25
CA PRO A 216 13.26 17.09 -11.50
C PRO A 216 12.17 17.00 -12.58
N TRP A 217 12.58 16.84 -13.83
CA TRP A 217 11.64 16.70 -14.93
C TRP A 217 12.36 16.10 -16.12
N GLY A 218 11.67 15.20 -16.83
CA GLY A 218 12.26 14.56 -17.98
C GLY A 218 11.78 15.10 -19.31
N ALA A 219 10.47 15.33 -19.44
CA ALA A 219 9.91 15.86 -20.67
C ALA A 219 9.15 17.18 -20.45
N PRO A 220 8.92 17.95 -21.54
CA PRO A 220 8.21 19.23 -21.46
C PRO A 220 6.98 19.26 -20.54
N HIS A 221 6.05 18.33 -20.72
CA HIS A 221 4.86 18.36 -19.87
C HIS A 221 5.22 18.23 -18.40
N GLU A 222 6.29 17.48 -18.12
CA GLU A 222 6.71 17.29 -16.73
C GLU A 222 7.29 18.58 -16.17
N GLU A 223 7.99 19.34 -17.01
CA GLU A 223 8.55 20.60 -16.56
C GLU A 223 7.41 21.55 -16.25
N GLU A 224 6.39 21.57 -17.11
CA GLU A 224 5.23 22.43 -16.92
C GLU A 224 4.58 22.13 -15.57
N ARG A 225 4.42 20.85 -15.26
CA ARG A 225 3.85 20.45 -13.97
C ARG A 225 4.77 20.94 -12.87
N ALA A 226 6.07 20.73 -13.07
CA ALA A 226 7.09 21.18 -12.11
C ALA A 226 6.92 22.68 -11.84
N LYS A 227 6.80 23.48 -12.90
CA LYS A 227 6.61 24.92 -12.74
C LYS A 227 5.32 25.19 -11.98
N ARG A 228 4.26 24.41 -12.23
CA ARG A 228 3.00 24.64 -11.51
C ARG A 228 3.08 24.31 -10.02
N LEU A 229 3.90 23.32 -9.69
CA LEU A 229 4.06 22.92 -8.30
C LEU A 229 4.90 23.92 -7.51
N ALA A 230 5.90 24.52 -8.16
CA ALA A 230 6.76 25.50 -7.47
C ALA A 230 6.13 26.89 -7.42
N GLU A 231 5.18 27.14 -8.31
CA GLU A 231 4.52 28.45 -8.38
C GLU A 231 4.08 28.96 -7.02
N GLY A 232 4.73 30.03 -6.55
CA GLY A 232 4.37 30.62 -5.27
C GLY A 232 5.27 30.28 -4.09
N PHE A 233 6.04 29.19 -4.19
CA PHE A 233 6.92 28.77 -3.10
C PHE A 233 8.39 29.09 -3.39
N ALA A 234 8.88 30.14 -2.75
CA ALA A 234 10.26 30.59 -2.94
C ALA A 234 11.32 29.55 -2.59
N TYR A 235 10.99 28.65 -1.67
CA TYR A 235 11.95 27.61 -1.25
C TYR A 235 11.98 26.42 -2.18
N VAL A 236 11.16 26.45 -3.23
CA VAL A 236 11.07 25.37 -4.19
C VAL A 236 11.73 25.75 -5.51
N GLU A 237 12.54 24.85 -6.05
CA GLU A 237 13.24 25.11 -7.29
C GLU A 237 12.97 24.05 -8.34
N VAL A 238 12.85 24.48 -9.59
CA VAL A 238 12.65 23.52 -10.68
C VAL A 238 14.01 23.31 -11.31
N LEU A 239 14.51 22.09 -11.22
CA LEU A 239 15.81 21.76 -11.79
C LEU A 239 15.86 21.96 -13.30
N PRO A 240 17.07 22.17 -13.84
CA PRO A 240 17.26 22.34 -15.27
C PRO A 240 17.23 20.92 -15.85
N LYS A 241 17.17 20.79 -17.17
CA LYS A 241 17.13 19.46 -17.78
C LYS A 241 18.51 18.85 -17.57
N MET A 242 18.55 17.59 -17.15
CA MET A 242 19.83 16.94 -16.96
C MET A 242 19.81 15.45 -17.26
N SER A 243 21.00 14.86 -17.31
CA SER A 243 21.14 13.45 -17.58
C SER A 243 20.83 12.68 -16.32
N LEU A 244 20.79 11.36 -16.47
CA LEU A 244 20.52 10.44 -15.37
C LEU A 244 21.57 10.62 -14.29
N GLU A 245 22.83 10.68 -14.72
CA GLU A 245 23.94 10.88 -13.81
C GLU A 245 23.79 12.23 -13.14
N GLY A 246 23.25 13.21 -13.87
CA GLY A 246 23.05 14.53 -13.32
C GLY A 246 22.00 14.49 -12.22
N VAL A 247 20.83 13.95 -12.53
CA VAL A 247 19.76 13.87 -11.54
C VAL A 247 20.17 12.89 -10.45
N ALA A 248 21.11 12.01 -10.74
CA ALA A 248 21.61 11.07 -9.75
C ALA A 248 22.36 11.83 -8.64
N ARG A 249 23.18 12.79 -9.07
CA ARG A 249 23.96 13.61 -8.16
C ARG A 249 23.03 14.40 -7.25
N VAL A 250 22.01 15.01 -7.83
CA VAL A 250 21.06 15.76 -7.01
C VAL A 250 20.44 14.82 -5.99
N LEU A 251 19.94 13.66 -6.44
CA LEU A 251 19.34 12.74 -5.49
C LEU A 251 20.30 12.39 -4.37
N ALA A 252 21.54 12.08 -4.73
CA ALA A 252 22.57 11.72 -3.76
C ALA A 252 22.71 12.77 -2.66
N GLY A 253 22.45 14.03 -3.01
CA GLY A 253 22.57 15.11 -2.04
C GLY A 253 21.27 15.47 -1.34
N ALA A 254 20.20 14.75 -1.64
CA ALA A 254 18.93 15.03 -0.99
C ALA A 254 18.89 14.41 0.39
N LYS A 255 18.39 15.17 1.36
CA LYS A 255 18.26 14.72 2.75
C LYS A 255 17.26 13.56 2.77
N PHE A 256 16.20 13.69 1.98
CA PHE A 256 15.18 12.66 1.83
C PHE A 256 14.40 12.92 0.56
N VAL A 257 13.59 11.95 0.17
CA VAL A 257 12.83 12.05 -1.05
C VAL A 257 11.39 11.59 -0.92
N VAL A 258 10.48 12.26 -1.61
CA VAL A 258 9.08 11.84 -1.67
C VAL A 258 8.92 11.57 -3.17
N SER A 259 8.31 10.45 -3.51
CA SER A 259 8.20 10.08 -4.91
C SER A 259 7.05 9.15 -5.23
N VAL A 260 6.75 9.06 -6.52
CA VAL A 260 5.71 8.16 -7.01
C VAL A 260 6.47 6.90 -7.44
N ASP A 261 5.73 5.85 -7.77
CA ASP A 261 6.31 4.59 -8.18
C ASP A 261 6.89 4.78 -9.59
N THR A 262 8.20 5.01 -9.65
CA THR A 262 8.89 5.22 -10.92
C THR A 262 10.36 4.86 -10.83
N GLY A 263 11.02 4.79 -11.98
CA GLY A 263 12.44 4.46 -12.03
C GLY A 263 13.32 5.29 -11.13
N LEU A 264 13.15 6.61 -11.13
CA LEU A 264 13.97 7.49 -10.30
C LEU A 264 13.81 7.21 -8.79
N SER A 265 12.69 6.59 -8.43
CA SER A 265 12.44 6.23 -7.05
C SER A 265 13.37 5.06 -6.76
N HIS A 266 13.52 4.17 -7.73
CA HIS A 266 14.42 3.03 -7.57
C HIS A 266 15.86 3.52 -7.50
N LEU A 267 16.20 4.53 -8.30
CA LEU A 267 17.55 5.09 -8.26
C LEU A 267 17.82 5.64 -6.85
N THR A 268 16.86 6.39 -6.32
CA THR A 268 16.97 6.97 -4.99
C THR A 268 17.22 5.90 -3.93
N ALA A 269 16.60 4.74 -4.11
CA ALA A 269 16.80 3.65 -3.16
C ALA A 269 18.22 3.11 -3.35
N ALA A 270 18.67 3.06 -4.60
CA ALA A 270 20.00 2.59 -4.92
C ALA A 270 21.06 3.54 -4.34
N LEU A 271 20.72 4.80 -4.16
CA LEU A 271 21.67 5.75 -3.58
C LEU A 271 21.50 5.80 -2.06
N ASP A 272 20.80 4.83 -1.50
CA ASP A 272 20.56 4.75 -0.05
C ASP A 272 19.91 6.01 0.58
N ARG A 273 19.17 6.80 -0.19
CA ARG A 273 18.58 8.00 0.39
C ARG A 273 17.17 7.76 0.93
N PRO A 274 16.85 8.32 2.13
CA PRO A 274 15.52 8.13 2.70
C PRO A 274 14.50 8.53 1.64
N ASN A 275 13.51 7.68 1.46
CA ASN A 275 12.54 7.88 0.41
C ASN A 275 11.14 7.37 0.79
N ILE A 276 10.13 8.20 0.56
CA ILE A 276 8.75 7.81 0.81
C ILE A 276 8.12 7.67 -0.58
N THR A 277 7.85 6.44 -0.99
CA THR A 277 7.23 6.22 -2.29
C THR A 277 5.73 6.05 -2.04
N VAL A 278 4.92 6.77 -2.82
CA VAL A 278 3.47 6.67 -2.65
C VAL A 278 2.86 5.81 -3.77
N TYR A 279 2.12 4.78 -3.35
CA TYR A 279 1.51 3.85 -4.28
C TYR A 279 0.01 4.01 -4.40
N GLY A 280 -0.48 3.69 -5.60
CA GLY A 280 -1.90 3.76 -5.89
C GLY A 280 -2.28 2.46 -6.58
N PRO A 281 -2.33 2.43 -7.92
CA PRO A 281 -2.67 1.24 -8.74
C PRO A 281 -1.63 0.13 -8.79
N THR A 282 -0.40 0.43 -8.38
CA THR A 282 0.66 -0.57 -8.38
C THR A 282 0.90 -0.97 -6.94
N ASP A 283 1.30 -2.21 -6.71
CA ASP A 283 1.52 -2.70 -5.35
C ASP A 283 3.00 -2.77 -4.97
N PRO A 284 3.38 -2.16 -3.85
CA PRO A 284 4.78 -2.17 -3.41
C PRO A 284 5.29 -3.56 -3.06
N GLY A 285 4.41 -4.41 -2.53
CA GLY A 285 4.82 -5.75 -2.16
C GLY A 285 5.35 -6.51 -3.37
N LEU A 286 4.83 -6.18 -4.54
CA LEU A 286 5.25 -6.85 -5.77
C LEU A 286 6.36 -6.11 -6.50
N ILE A 287 6.17 -4.80 -6.65
CA ILE A 287 7.13 -3.95 -7.38
C ILE A 287 7.79 -2.86 -6.55
N GLY A 288 7.87 -3.07 -5.24
CA GLY A 288 8.45 -2.05 -4.37
C GLY A 288 9.97 -1.91 -4.33
N GLY A 289 10.39 -0.79 -3.73
CA GLY A 289 11.81 -0.49 -3.61
C GLY A 289 12.52 -1.28 -2.53
N TYR A 290 13.83 -1.47 -2.74
CA TYR A 290 14.68 -2.23 -1.83
C TYR A 290 15.76 -1.32 -1.22
N GLY A 291 15.92 -1.32 0.11
CA GLY A 291 16.95 -0.46 0.66
C GLY A 291 16.96 -0.01 2.12
N LYS A 292 16.05 -0.52 2.94
CA LYS A 292 16.01 -0.18 4.36
C LYS A 292 15.38 1.18 4.70
N ASN A 293 16.01 2.27 4.28
CA ASN A 293 15.43 3.59 4.54
C ASN A 293 14.36 3.93 3.50
N GLN A 294 13.78 2.90 2.90
CA GLN A 294 12.73 3.04 1.90
C GLN A 294 11.38 2.89 2.61
N MET A 295 10.57 3.94 2.56
CA MET A 295 9.30 3.89 3.26
C MET A 295 8.12 3.81 2.28
N VAL A 296 7.25 2.84 2.50
CA VAL A 296 6.08 2.66 1.63
C VAL A 296 4.85 3.37 2.18
N CYS A 297 4.20 4.15 1.33
CA CYS A 297 2.99 4.89 1.73
C CYS A 297 1.85 4.53 0.77
N ARG A 298 0.95 3.67 1.24
CA ARG A 298 -0.18 3.23 0.42
C ARG A 298 -1.30 4.27 0.44
N ALA A 299 -1.90 4.52 -0.72
CA ALA A 299 -3.00 5.46 -0.79
C ALA A 299 -4.27 4.72 -0.38
N PRO A 300 -5.23 5.43 0.26
CA PRO A 300 -6.47 4.79 0.66
C PRO A 300 -7.19 4.27 -0.60
N GLY A 301 -7.66 3.02 -0.56
CA GLY A 301 -8.33 2.44 -1.71
C GLY A 301 -7.46 2.40 -2.96
N ASN A 302 -6.14 2.39 -2.74
CA ASN A 302 -5.15 2.38 -3.83
C ASN A 302 -5.38 3.53 -4.80
N GLU A 303 -6.10 4.55 -4.36
CA GLU A 303 -6.38 5.69 -5.22
C GLU A 303 -5.67 6.92 -4.67
N LEU A 304 -4.60 7.31 -5.34
CA LEU A 304 -3.79 8.44 -4.89
C LEU A 304 -4.59 9.72 -4.67
N SER A 305 -5.69 9.88 -5.38
CA SER A 305 -6.51 11.08 -5.18
C SER A 305 -6.95 11.12 -3.73
N GLN A 306 -7.01 9.96 -3.07
CA GLN A 306 -7.43 9.90 -1.67
C GLN A 306 -6.30 10.05 -0.67
N LEU A 307 -5.07 10.22 -1.15
CA LEU A 307 -3.93 10.39 -0.26
C LEU A 307 -3.74 11.88 0.04
N THR A 308 -3.84 12.25 1.32
CA THR A 308 -3.70 13.65 1.72
C THR A 308 -2.25 14.03 1.92
N ALA A 309 -1.94 15.31 1.67
CA ALA A 309 -0.59 15.82 1.86
C ALA A 309 -0.28 15.67 3.34
N ASN A 310 -1.34 15.80 4.12
CA ASN A 310 -1.26 15.71 5.55
C ASN A 310 -0.80 14.31 5.96
N ALA A 311 -1.36 13.30 5.32
CA ALA A 311 -0.96 11.94 5.67
C ALA A 311 0.46 11.67 5.21
N VAL A 312 0.85 12.24 4.08
CA VAL A 312 2.21 12.01 3.59
C VAL A 312 3.24 12.67 4.51
N LYS A 313 2.92 13.82 5.06
CA LYS A 313 3.83 14.49 5.98
C LYS A 313 3.73 13.76 7.32
N GLN A 314 2.50 13.50 7.76
CA GLN A 314 2.27 12.79 9.02
C GLN A 314 2.96 11.44 8.91
N PHE A 315 3.42 11.14 7.70
CA PHE A 315 4.11 9.89 7.42
C PHE A 315 5.60 10.14 7.51
N ILE A 316 6.08 11.15 6.78
CA ILE A 316 7.49 11.53 6.80
C ILE A 316 7.93 11.75 8.25
N GLU A 317 7.05 12.36 9.03
CA GLU A 317 7.33 12.66 10.44
C GLU A 317 7.46 11.41 11.29
N GLU A 318 6.57 10.45 11.09
CA GLU A 318 6.60 9.22 11.87
C GLU A 318 7.51 8.13 11.28
N ASN A 319 8.21 8.48 10.21
CA ASN A 319 9.14 7.54 9.60
C ASN A 319 10.55 8.17 9.60
N ALA A 320 10.76 9.06 10.56
CA ALA A 320 12.02 9.74 10.73
C ALA A 320 12.91 8.93 11.66
N MET B 1 4.92 -15.55 7.12
CA MET B 1 3.61 -16.10 6.63
C MET B 1 2.71 -14.98 6.11
N ARG B 2 2.09 -15.23 4.96
CA ARG B 2 1.22 -14.24 4.33
C ARG B 2 -0.21 -14.79 4.20
N VAL B 3 -1.17 -14.03 4.68
CA VAL B 3 -2.56 -14.45 4.60
C VAL B 3 -3.44 -13.46 3.84
N LEU B 4 -4.38 -14.00 3.06
CA LEU B 4 -5.32 -13.18 2.32
C LEU B 4 -6.64 -13.28 3.07
N ILE B 5 -7.25 -12.14 3.37
CA ILE B 5 -8.52 -12.09 4.08
C ILE B 5 -9.65 -11.70 3.14
N VAL B 6 -10.76 -12.43 3.22
CA VAL B 6 -11.94 -12.13 2.42
C VAL B 6 -13.03 -11.73 3.39
N LYS B 7 -13.21 -10.43 3.55
CA LYS B 7 -14.23 -9.88 4.44
C LYS B 7 -14.53 -8.56 3.78
N THR B 8 -15.49 -8.60 2.86
CA THR B 8 -15.81 -7.40 2.10
C THR B 8 -16.88 -6.47 2.59
N SER B 9 -17.98 -7.05 3.07
CA SER B 9 -19.11 -6.22 3.42
C SER B 9 -19.64 -5.99 4.81
N SER B 10 -20.19 -4.78 4.91
CA SER B 10 -20.75 -4.19 6.10
C SER B 10 -19.57 -3.61 6.79
N MET B 11 -19.58 -2.30 6.97
CA MET B 11 -18.50 -1.62 7.64
C MET B 11 -18.35 -2.26 9.01
N GLY B 12 -19.48 -2.56 9.64
CA GLY B 12 -19.42 -3.17 10.96
C GLY B 12 -18.64 -4.46 10.96
N ASP B 13 -18.99 -5.34 10.05
CA ASP B 13 -18.34 -6.65 9.92
C ASP B 13 -16.85 -6.54 9.64
N VAL B 14 -16.47 -5.55 8.85
CA VAL B 14 -15.08 -5.34 8.54
C VAL B 14 -14.34 -4.94 9.80
N LEU B 15 -14.88 -3.97 10.52
CA LEU B 15 -14.25 -3.50 11.75
C LEU B 15 -14.10 -4.62 12.77
N HIS B 16 -15.17 -5.37 13.00
CA HIS B 16 -15.19 -6.48 13.97
C HIS B 16 -14.24 -7.62 13.63
N THR B 17 -13.54 -7.48 12.52
CA THR B 17 -12.60 -8.51 12.10
C THR B 17 -11.19 -8.26 12.61
N LEU B 18 -10.90 -6.98 12.85
CA LEU B 18 -9.58 -6.53 13.30
C LEU B 18 -8.99 -7.23 14.51
N PRO B 19 -9.83 -7.49 15.54
CA PRO B 19 -9.28 -8.15 16.72
C PRO B 19 -8.67 -9.52 16.40
N ALA B 20 -9.16 -10.16 15.35
CA ALA B 20 -8.63 -11.44 14.93
C ALA B 20 -7.18 -11.30 14.40
N LEU B 21 -6.90 -10.19 13.72
CA LEU B 21 -5.57 -9.94 13.20
C LEU B 21 -4.58 -9.64 14.34
N THR B 22 -5.05 -8.95 15.38
CA THR B 22 -4.17 -8.66 16.50
C THR B 22 -3.84 -9.99 17.18
N ASP B 23 -4.82 -10.89 17.24
CA ASP B 23 -4.61 -12.22 17.83
C ASP B 23 -3.55 -12.97 17.05
N ALA B 24 -3.71 -12.98 15.72
CA ALA B 24 -2.80 -13.69 14.84
C ALA B 24 -1.39 -13.13 14.93
N GLN B 25 -1.31 -11.80 15.01
CA GLN B 25 -0.04 -11.12 15.09
C GLN B 25 0.76 -11.43 16.36
N GLN B 26 0.07 -11.66 17.47
CA GLN B 26 0.74 -11.97 18.74
C GLN B 26 1.22 -13.42 18.74
N ALA B 27 0.43 -14.31 18.14
CA ALA B 27 0.77 -15.72 18.11
C ALA B 27 1.76 -16.07 17.00
N ILE B 28 1.67 -15.34 15.89
CA ILE B 28 2.54 -15.56 14.74
C ILE B 28 3.23 -14.25 14.34
N PRO B 29 4.34 -13.90 15.03
CA PRO B 29 5.06 -12.66 14.72
C PRO B 29 5.50 -12.62 13.26
N GLY B 30 5.47 -11.43 12.67
CA GLY B 30 5.87 -11.31 11.27
C GLY B 30 4.74 -11.55 10.28
N ILE B 31 3.67 -12.20 10.71
CA ILE B 31 2.54 -12.48 9.83
C ILE B 31 1.98 -11.16 9.27
N LYS B 32 1.62 -11.17 8.00
CA LYS B 32 1.05 -9.99 7.34
C LYS B 32 -0.16 -10.40 6.51
N PHE B 33 -1.20 -9.56 6.52
CA PHE B 33 -2.42 -9.85 5.79
C PHE B 33 -2.75 -8.88 4.66
N ASP B 34 -3.26 -9.43 3.56
CA ASP B 34 -3.74 -8.62 2.45
C ASP B 34 -5.25 -8.80 2.65
N TRP B 35 -6.01 -7.79 2.28
CA TRP B 35 -7.44 -7.81 2.52
C TRP B 35 -8.31 -7.43 1.32
N VAL B 36 -9.30 -8.27 1.02
CA VAL B 36 -10.24 -8.00 -0.06
C VAL B 36 -11.49 -7.44 0.61
N VAL B 37 -11.75 -6.17 0.34
CA VAL B 37 -12.87 -5.45 0.97
C VAL B 37 -13.59 -4.56 -0.05
N GLU B 38 -14.86 -4.27 0.21
CA GLU B 38 -15.63 -3.39 -0.68
C GLU B 38 -14.91 -2.05 -0.74
N GLU B 39 -14.90 -1.44 -1.92
CA GLU B 39 -14.25 -0.16 -2.10
C GLU B 39 -14.66 0.90 -1.08
N GLY B 40 -15.94 0.88 -0.69
CA GLY B 40 -16.42 1.86 0.27
C GLY B 40 -15.75 1.85 1.63
N PHE B 41 -15.21 0.70 2.05
CA PHE B 41 -14.57 0.59 3.35
C PHE B 41 -13.08 0.28 3.25
N ALA B 42 -12.54 0.35 2.04
CA ALA B 42 -11.14 0.04 1.81
C ALA B 42 -10.13 0.68 2.76
N GLN B 43 -10.49 1.79 3.40
CA GLN B 43 -9.56 2.45 4.31
C GLN B 43 -9.31 1.74 5.63
N ILE B 44 -10.39 1.23 6.23
CA ILE B 44 -10.34 0.57 7.52
C ILE B 44 -9.23 -0.45 7.74
N PRO B 45 -9.08 -1.42 6.84
CA PRO B 45 -8.00 -2.39 7.07
C PRO B 45 -6.60 -1.78 7.19
N SER B 46 -6.36 -0.71 6.45
CA SER B 46 -5.04 -0.09 6.46
C SER B 46 -4.67 0.53 7.79
N TRP B 47 -5.64 0.68 8.69
CA TRP B 47 -5.39 1.26 10.01
C TRP B 47 -4.73 0.29 10.96
N HIS B 48 -4.62 -0.97 10.54
CA HIS B 48 -4.03 -2.04 11.34
C HIS B 48 -2.62 -2.34 10.86
N ALA B 49 -1.70 -2.45 11.81
CA ALA B 49 -0.29 -2.70 11.53
C ALA B 49 0.03 -4.00 10.83
N ALA B 50 -0.79 -5.02 11.04
CA ALA B 50 -0.54 -6.32 10.41
C ALA B 50 -0.97 -6.41 8.96
N VAL B 51 -1.64 -5.37 8.48
CA VAL B 51 -2.14 -5.35 7.11
C VAL B 51 -1.16 -4.72 6.11
N GLU B 52 -1.27 -5.14 4.86
CA GLU B 52 -0.40 -4.61 3.80
C GLU B 52 -1.21 -4.13 2.59
N ARG B 53 -1.53 -5.05 1.69
CA ARG B 53 -2.28 -4.66 0.50
C ARG B 53 -3.78 -4.84 0.62
N VAL B 54 -4.49 -3.74 0.41
CA VAL B 54 -5.95 -3.78 0.42
C VAL B 54 -6.30 -3.99 -1.03
N ILE B 55 -7.16 -4.96 -1.31
CA ILE B 55 -7.56 -5.22 -2.68
C ILE B 55 -9.05 -4.90 -2.77
N PRO B 56 -9.38 -3.70 -3.27
CA PRO B 56 -10.80 -3.34 -3.36
C PRO B 56 -11.54 -4.16 -4.39
N VAL B 57 -12.83 -4.35 -4.13
CA VAL B 57 -13.75 -5.05 -5.00
C VAL B 57 -14.98 -4.16 -4.96
N ALA B 58 -15.91 -4.35 -5.89
CA ALA B 58 -17.13 -3.54 -5.90
C ALA B 58 -18.20 -4.37 -6.57
N ILE B 59 -18.51 -5.50 -5.96
CA ILE B 59 -19.50 -6.44 -6.49
C ILE B 59 -20.84 -5.81 -6.82
N ARG B 60 -21.36 -4.99 -5.91
CA ARG B 60 -22.64 -4.34 -6.16
C ARG B 60 -22.54 -3.44 -7.39
N ARG B 61 -21.51 -2.60 -7.41
CA ARG B 61 -21.32 -1.69 -8.53
C ARG B 61 -21.00 -2.38 -9.84
N TRP B 62 -20.28 -3.50 -9.79
CA TRP B 62 -19.94 -4.22 -11.02
C TRP B 62 -21.15 -4.91 -11.61
N ARG B 63 -22.03 -5.42 -10.76
CA ARG B 63 -23.23 -6.12 -11.22
C ARG B 63 -24.02 -5.35 -12.28
N LYS B 64 -23.76 -4.05 -12.40
CA LYS B 64 -24.44 -3.24 -13.39
C LYS B 64 -23.71 -3.35 -14.73
N ARG B 75 -12.37 -5.61 -13.13
CA ARG B 75 -12.43 -7.07 -12.94
C ARG B 75 -11.14 -7.74 -13.36
N LYS B 76 -10.64 -7.37 -14.53
CA LYS B 76 -9.39 -7.92 -15.03
C LYS B 76 -8.30 -7.61 -14.01
N ALA B 77 -8.21 -6.32 -13.65
CA ALA B 77 -7.21 -5.87 -12.69
C ALA B 77 -7.40 -6.43 -11.29
N PHE B 78 -8.64 -6.77 -10.93
CA PHE B 78 -8.94 -7.32 -9.61
C PHE B 78 -8.38 -8.74 -9.49
N ARG B 79 -8.78 -9.61 -10.41
CA ARG B 79 -8.33 -10.98 -10.42
C ARG B 79 -6.81 -11.01 -10.48
N GLU B 80 -6.24 -10.22 -11.37
CA GLU B 80 -4.79 -10.15 -11.49
C GLU B 80 -4.17 -9.81 -10.14
N ALA B 81 -4.69 -8.77 -9.50
CA ALA B 81 -4.20 -8.37 -8.18
C ALA B 81 -4.53 -9.43 -7.13
N LEU B 82 -5.70 -10.07 -7.28
CA LEU B 82 -6.11 -11.10 -6.35
C LEU B 82 -5.21 -12.30 -6.44
N GLN B 83 -4.84 -12.65 -7.67
CA GLN B 83 -4.00 -13.81 -7.93
C GLN B 83 -2.50 -13.52 -8.10
N ALA B 84 -2.09 -12.31 -7.74
CA ALA B 84 -0.68 -11.96 -7.87
C ALA B 84 0.19 -12.68 -6.85
N LYS B 85 -0.42 -13.06 -5.73
CA LYS B 85 0.36 -13.71 -4.68
C LYS B 85 -0.13 -15.09 -4.25
N ASN B 86 0.83 -15.90 -3.82
CA ASN B 86 0.57 -17.24 -3.31
C ASN B 86 0.53 -17.11 -1.80
N TYR B 87 -0.67 -17.24 -1.24
CA TYR B 87 -0.84 -17.10 0.19
C TYR B 87 -0.74 -18.43 0.94
N ASP B 88 -0.27 -18.39 2.17
CA ASP B 88 -0.16 -19.60 2.97
C ASP B 88 -1.56 -19.98 3.46
N ALA B 89 -2.50 -19.06 3.33
CA ALA B 89 -3.88 -19.28 3.74
C ALA B 89 -4.82 -18.14 3.31
N VAL B 90 -6.00 -18.51 2.83
CA VAL B 90 -7.03 -17.55 2.42
C VAL B 90 -8.16 -17.76 3.43
N ILE B 91 -8.43 -16.75 4.24
CA ILE B 91 -9.49 -16.88 5.24
C ILE B 91 -10.72 -16.09 4.85
N ASP B 92 -11.79 -16.83 4.52
CA ASP B 92 -13.08 -16.22 4.14
C ASP B 92 -13.87 -16.08 5.44
N ALA B 93 -13.90 -14.86 5.98
CA ALA B 93 -14.66 -14.60 7.21
C ALA B 93 -16.04 -14.00 6.85
N GLN B 94 -16.40 -14.13 5.59
CA GLN B 94 -17.68 -13.60 5.06
C GLN B 94 -18.82 -14.60 5.12
N GLY B 95 -18.60 -15.79 4.56
CA GLY B 95 -19.63 -16.83 4.57
C GLY B 95 -20.79 -16.62 3.61
N LEU B 96 -20.62 -15.76 2.61
CA LEU B 96 -21.67 -15.48 1.62
C LEU B 96 -21.25 -16.08 0.29
N VAL B 97 -22.22 -16.66 -0.43
CA VAL B 97 -21.90 -17.30 -1.71
C VAL B 97 -21.24 -16.41 -2.76
N LYS B 98 -21.71 -15.18 -2.91
CA LYS B 98 -21.16 -14.29 -3.91
C LYS B 98 -19.68 -14.05 -3.70
N SER B 99 -19.29 -13.65 -2.49
CA SER B 99 -17.86 -13.42 -2.26
C SER B 99 -17.11 -14.75 -2.25
N ALA B 100 -17.75 -15.83 -1.81
CA ALA B 100 -17.06 -17.11 -1.80
C ALA B 100 -16.73 -17.52 -3.22
N ALA B 101 -17.64 -17.23 -4.15
CA ALA B 101 -17.47 -17.57 -5.56
C ALA B 101 -16.67 -16.57 -6.36
N LEU B 102 -16.95 -15.29 -6.12
CA LEU B 102 -16.27 -14.21 -6.85
C LEU B 102 -14.89 -13.83 -6.31
N VAL B 103 -14.51 -14.34 -5.16
CA VAL B 103 -13.22 -13.94 -4.59
C VAL B 103 -12.34 -15.05 -4.03
N THR B 104 -12.74 -15.61 -2.89
CA THR B 104 -11.94 -16.65 -2.24
C THR B 104 -11.67 -17.85 -3.16
N ARG B 105 -12.62 -18.16 -4.03
CA ARG B 105 -12.47 -19.25 -4.99
C ARG B 105 -11.31 -18.98 -5.96
N LEU B 106 -11.19 -17.73 -6.40
CA LEU B 106 -10.16 -17.33 -7.35
C LEU B 106 -8.74 -17.12 -6.82
N ALA B 107 -8.58 -17.05 -5.50
CA ALA B 107 -7.28 -16.83 -4.87
C ALA B 107 -6.37 -18.07 -4.83
N HIS B 108 -5.06 -17.85 -4.72
CA HIS B 108 -4.10 -18.95 -4.64
C HIS B 108 -3.79 -19.20 -3.17
N GLY B 109 -3.91 -20.47 -2.76
CA GLY B 109 -3.64 -20.83 -1.38
C GLY B 109 -4.78 -21.61 -0.76
N VAL B 110 -4.47 -22.35 0.32
CA VAL B 110 -5.48 -23.14 1.02
C VAL B 110 -6.59 -22.23 1.54
N LYS B 111 -7.83 -22.56 1.18
CA LYS B 111 -8.98 -21.76 1.56
C LYS B 111 -9.72 -22.24 2.79
N HIS B 112 -9.83 -21.33 3.76
CA HIS B 112 -10.50 -21.60 5.03
C HIS B 112 -11.80 -20.80 5.07
N GLY B 113 -12.81 -21.38 5.71
CA GLY B 113 -14.10 -20.71 5.82
C GLY B 113 -14.96 -21.48 6.80
N MET B 114 -16.21 -21.06 6.97
CA MET B 114 -17.11 -21.74 7.89
C MET B 114 -17.80 -22.92 7.20
N ASP B 115 -18.13 -23.95 8.00
CA ASP B 115 -18.79 -25.13 7.46
C ASP B 115 -20.26 -24.88 7.17
N TRP B 116 -20.92 -25.89 6.62
CA TRP B 116 -22.31 -25.81 6.25
C TRP B 116 -23.23 -25.38 7.39
N GLN B 117 -22.96 -25.88 8.59
CA GLN B 117 -23.81 -25.56 9.73
C GLN B 117 -23.63 -24.19 10.31
N THR B 118 -22.48 -23.55 10.05
CA THR B 118 -22.24 -22.24 10.64
C THR B 118 -22.11 -21.04 9.71
N ALA B 119 -21.76 -21.23 8.44
CA ALA B 119 -21.68 -20.09 7.53
C ALA B 119 -23.06 -19.44 7.39
N ARG B 120 -23.09 -18.11 7.22
CA ARG B 120 -24.35 -17.39 7.10
C ARG B 120 -25.14 -17.95 5.93
N GLU B 121 -24.44 -18.39 4.89
CA GLU B 121 -25.07 -19.01 3.74
C GLU B 121 -24.33 -20.35 3.57
N PRO B 122 -24.89 -21.43 4.12
CA PRO B 122 -24.32 -22.79 4.07
C PRO B 122 -23.59 -23.13 2.78
N LEU B 123 -24.22 -22.83 1.64
CA LEU B 123 -23.66 -23.12 0.33
C LEU B 123 -22.26 -22.56 0.06
N ALA B 124 -21.89 -21.51 0.79
CA ALA B 124 -20.59 -20.90 0.62
C ALA B 124 -19.50 -21.89 1.04
N SER B 125 -19.83 -22.70 2.04
CA SER B 125 -18.89 -23.68 2.57
C SER B 125 -18.32 -24.63 1.53
N LEU B 126 -19.02 -24.82 0.41
CA LEU B 126 -18.54 -25.73 -0.62
C LEU B 126 -17.28 -25.24 -1.30
N PHE B 127 -17.05 -23.93 -1.24
CA PHE B 127 -15.88 -23.35 -1.89
C PHE B 127 -14.62 -23.45 -1.08
N TYR B 128 -14.71 -24.02 0.12
CA TYR B 128 -13.52 -24.12 0.97
C TYR B 128 -12.84 -25.48 1.07
N ASN B 129 -11.54 -25.45 1.29
CA ASN B 129 -10.72 -26.64 1.45
C ASN B 129 -10.82 -27.05 2.91
N ARG B 130 -10.70 -26.07 3.81
CA ARG B 130 -10.80 -26.34 5.23
C ARG B 130 -12.09 -25.70 5.74
N LYS B 131 -13.03 -26.53 6.20
CA LYS B 131 -14.29 -25.99 6.74
C LYS B 131 -14.17 -26.04 8.25
N HIS B 132 -14.44 -24.94 8.93
CA HIS B 132 -14.33 -24.87 10.38
C HIS B 132 -15.70 -24.61 10.99
N HIS B 133 -15.98 -25.22 12.12
CA HIS B 133 -17.26 -25.03 12.78
C HIS B 133 -17.12 -23.85 13.73
N ILE B 134 -17.89 -22.79 13.49
CA ILE B 134 -17.83 -21.60 14.34
C ILE B 134 -19.23 -21.29 14.86
N ALA B 135 -19.47 -21.65 16.13
CA ALA B 135 -20.77 -21.43 16.79
C ALA B 135 -21.37 -20.06 16.47
N LYS B 136 -22.63 -20.09 16.06
CA LYS B 136 -23.38 -18.89 15.69
C LYS B 136 -23.71 -17.90 16.79
N GLN B 137 -23.93 -18.36 18.01
CA GLN B 137 -24.28 -17.42 19.07
C GLN B 137 -23.13 -16.82 19.86
N GLN B 138 -22.33 -16.00 19.18
CA GLN B 138 -21.21 -15.30 19.81
C GLN B 138 -21.20 -13.99 19.06
N HIS B 139 -20.58 -12.96 19.62
CA HIS B 139 -20.50 -11.69 18.94
C HIS B 139 -19.60 -11.86 17.71
N ALA B 140 -19.86 -11.08 16.67
CA ALA B 140 -19.08 -11.11 15.43
C ALA B 140 -17.56 -11.13 15.67
N VAL B 141 -17.12 -10.38 16.67
CA VAL B 141 -15.70 -10.32 16.99
C VAL B 141 -15.12 -11.66 17.47
N GLU B 142 -15.89 -12.37 18.28
CA GLU B 142 -15.44 -13.66 18.79
C GLU B 142 -15.44 -14.76 17.74
N ARG B 143 -16.39 -14.70 16.82
CA ARG B 143 -16.46 -15.71 15.78
C ARG B 143 -15.25 -15.60 14.85
N THR B 144 -14.92 -14.39 14.43
CA THR B 144 -13.80 -14.21 13.53
C THR B 144 -12.51 -14.60 14.22
N ARG B 145 -12.37 -14.24 15.49
CA ARG B 145 -11.16 -14.61 16.23
C ARG B 145 -11.08 -16.14 16.25
N GLU B 146 -12.20 -16.80 16.49
CA GLU B 146 -12.21 -18.26 16.51
C GLU B 146 -11.77 -18.79 15.13
N LEU B 147 -12.34 -18.21 14.07
CA LEU B 147 -12.02 -18.64 12.72
C LEU B 147 -10.52 -18.46 12.41
N PHE B 148 -9.93 -17.34 12.81
CA PHE B 148 -8.52 -17.13 12.55
C PHE B 148 -7.65 -18.13 13.31
N ALA B 149 -7.99 -18.37 14.57
CA ALA B 149 -7.26 -19.29 15.43
C ALA B 149 -7.23 -20.68 14.82
N LYS B 150 -8.40 -21.19 14.47
CA LYS B 150 -8.49 -22.52 13.87
C LYS B 150 -7.82 -22.58 12.50
N SER B 151 -8.02 -21.55 11.69
CA SER B 151 -7.40 -21.52 10.36
C SER B 151 -5.88 -21.43 10.42
N LEU B 152 -5.35 -20.60 11.32
CA LEU B 152 -3.90 -20.40 11.42
C LEU B 152 -3.10 -21.30 12.35
N GLY B 153 -3.76 -22.00 13.28
CA GLY B 153 -3.03 -22.91 14.15
C GLY B 153 -2.62 -22.45 15.54
N TYR B 154 -3.49 -21.74 16.23
CA TYR B 154 -3.19 -21.30 17.58
C TYR B 154 -4.50 -21.22 18.36
N SER B 155 -4.42 -21.28 19.67
CA SER B 155 -5.58 -21.22 20.54
C SER B 155 -6.06 -19.78 20.66
N LYS B 156 -7.38 -19.57 20.65
CA LYS B 156 -7.92 -18.21 20.75
C LYS B 156 -7.70 -17.64 22.14
N PRO B 157 -7.01 -16.49 22.23
CA PRO B 157 -6.75 -15.87 23.53
C PRO B 157 -8.05 -15.70 24.30
N GLN B 158 -7.95 -15.74 25.62
CA GLN B 158 -9.14 -15.58 26.45
C GLN B 158 -9.30 -14.15 26.89
N THR B 159 -8.42 -13.30 26.37
CA THR B 159 -8.43 -11.87 26.66
C THR B 159 -9.52 -11.21 25.84
N GLN B 160 -9.78 -9.92 26.10
CA GLN B 160 -10.78 -9.16 25.35
C GLN B 160 -10.18 -8.74 24.01
N GLY B 161 -11.01 -8.71 22.98
CA GLY B 161 -10.55 -8.31 21.67
C GLY B 161 -9.91 -6.95 21.62
N ASP B 162 -8.87 -6.82 20.81
CA ASP B 162 -8.15 -5.57 20.65
C ASP B 162 -8.05 -5.18 19.17
N TYR B 163 -8.92 -4.26 18.77
CA TYR B 163 -8.98 -3.77 17.39
C TYR B 163 -7.62 -3.25 16.91
N ALA B 164 -6.87 -2.66 17.84
CA ALA B 164 -5.55 -2.12 17.55
C ALA B 164 -5.49 -1.03 16.48
N ILE B 165 -6.50 -0.16 16.46
CA ILE B 165 -6.54 0.94 15.50
C ILE B 165 -6.50 2.30 16.18
N ALA B 166 -6.73 2.33 17.48
CA ALA B 166 -6.70 3.57 18.23
C ALA B 166 -5.31 4.18 18.05
N GLN B 167 -4.30 3.32 18.13
CA GLN B 167 -2.92 3.75 17.98
C GLN B 167 -2.68 4.55 16.71
N HIS B 168 -3.33 4.15 15.62
CA HIS B 168 -3.18 4.84 14.34
C HIS B 168 -3.70 6.27 14.41
N PHE B 169 -4.45 6.58 15.46
CA PHE B 169 -5.02 7.91 15.64
C PHE B 169 -4.42 8.66 16.81
N LEU B 170 -4.06 7.92 17.86
CA LEU B 170 -3.48 8.53 19.06
C LEU B 170 -2.56 9.68 18.70
N THR B 171 -1.35 9.33 18.28
CA THR B 171 -0.33 10.31 17.92
C THR B 171 -0.87 11.58 17.22
N ASN B 172 -1.90 11.42 16.39
CA ASN B 172 -2.49 12.57 15.69
C ASN B 172 -3.99 12.67 15.95
N GLY B 178 -10.67 17.10 22.93
CA GLY B 178 -11.07 15.83 23.53
C GLY B 178 -12.34 15.91 24.37
N GLU B 179 -12.72 17.12 24.77
CA GLU B 179 -13.91 17.31 25.60
C GLU B 179 -15.20 17.61 24.84
N TYR B 180 -15.73 16.58 24.18
CA TYR B 180 -16.96 16.73 23.42
C TYR B 180 -17.63 15.40 23.16
N ALA B 181 -18.80 15.47 22.56
CA ALA B 181 -19.56 14.29 22.21
C ALA B 181 -19.79 14.35 20.70
N VAL B 182 -20.05 13.20 20.10
CA VAL B 182 -20.32 13.15 18.69
C VAL B 182 -21.66 12.44 18.58
N PHE B 183 -22.55 13.04 17.79
CA PHE B 183 -23.87 12.49 17.56
C PHE B 183 -23.92 12.01 16.11
N LEU B 184 -24.06 10.71 15.91
CA LEU B 184 -24.14 10.14 14.57
C LEU B 184 -25.60 9.96 14.22
N HIS B 185 -26.13 10.87 13.41
CA HIS B 185 -27.53 10.85 13.00
C HIS B 185 -27.74 10.21 11.62
N ALA B 186 -26.65 10.10 10.87
CA ALA B 186 -26.71 9.55 9.52
C ALA B 186 -26.67 8.03 9.39
N THR B 187 -27.59 7.52 8.58
CA THR B 187 -27.68 6.10 8.31
C THR B 187 -28.35 5.92 6.96
N THR B 188 -28.57 4.67 6.55
CA THR B 188 -29.16 4.39 5.24
C THR B 188 -30.69 4.31 5.15
N ARG B 189 -31.31 3.41 5.91
CA ARG B 189 -32.76 3.23 5.86
C ARG B 189 -33.55 4.26 6.65
N ASP B 190 -34.73 4.61 6.15
CA ASP B 190 -35.59 5.59 6.79
C ASP B 190 -35.93 5.31 8.25
N ASP B 191 -36.44 4.11 8.51
CA ASP B 191 -36.86 3.72 9.85
C ASP B 191 -35.73 3.61 10.86
N LYS B 192 -34.49 3.72 10.41
CA LYS B 192 -33.35 3.63 11.31
C LYS B 192 -32.90 5.00 11.78
N HIS B 193 -33.60 6.04 11.33
CA HIS B 193 -33.26 7.40 11.72
C HIS B 193 -34.01 7.80 12.98
N TRP B 194 -33.40 8.64 13.80
CA TRP B 194 -34.09 9.12 14.97
C TRP B 194 -34.58 10.46 14.44
N PRO B 195 -35.91 10.69 14.46
CA PRO B 195 -36.50 11.94 13.97
C PRO B 195 -35.74 13.20 14.38
N GLU B 196 -35.50 14.08 13.41
CA GLU B 196 -34.79 15.34 13.67
C GLU B 196 -35.24 16.09 14.93
N GLU B 197 -36.54 16.24 15.12
CA GLU B 197 -37.04 16.97 16.29
C GLU B 197 -36.53 16.34 17.59
N HIS B 198 -36.36 15.03 17.59
CA HIS B 198 -35.86 14.35 18.79
C HIS B 198 -34.37 14.63 18.97
N TRP B 199 -33.60 14.57 17.91
CA TRP B 199 -32.16 14.86 18.01
C TRP B 199 -32.02 16.26 18.56
N ARG B 200 -32.83 17.16 18.00
CA ARG B 200 -32.80 18.56 18.39
C ARG B 200 -33.18 18.76 19.85
N GLU B 201 -34.25 18.12 20.30
CA GLU B 201 -34.65 18.26 21.69
C GLU B 201 -33.54 17.74 22.59
N LEU B 202 -32.94 16.60 22.19
CA LEU B 202 -31.86 16.02 22.99
C LEU B 202 -30.72 17.02 23.10
N ILE B 203 -30.34 17.65 21.98
CA ILE B 203 -29.27 18.65 21.98
C ILE B 203 -29.64 19.85 22.88
N GLY B 204 -30.93 20.21 22.85
CA GLY B 204 -31.39 21.33 23.66
C GLY B 204 -31.31 21.01 25.14
N LEU B 205 -31.68 19.78 25.49
CA LEU B 205 -31.67 19.34 26.88
C LEU B 205 -30.27 19.36 27.50
N LEU B 206 -29.24 19.36 26.66
CA LEU B 206 -27.87 19.36 27.16
C LEU B 206 -27.21 20.73 27.05
N ALA B 207 -27.98 21.70 26.58
CA ALA B 207 -27.51 23.06 26.39
C ALA B 207 -26.68 23.66 27.54
N ASP B 208 -27.22 23.65 28.76
CA ASP B 208 -26.51 24.25 29.88
C ASP B 208 -25.45 23.38 30.54
N SER B 209 -25.22 22.17 30.02
CA SER B 209 -24.25 21.27 30.62
C SER B 209 -22.77 21.65 30.40
N GLY B 210 -22.50 22.33 29.29
CA GLY B 210 -21.13 22.70 28.98
C GLY B 210 -20.56 21.78 27.91
N ILE B 211 -21.36 20.78 27.54
CA ILE B 211 -20.94 19.84 26.52
C ILE B 211 -20.82 20.53 25.16
N ARG B 212 -19.92 20.03 24.34
CA ARG B 212 -19.73 20.53 22.99
C ARG B 212 -20.09 19.33 22.12
N ILE B 213 -20.93 19.55 21.11
CA ILE B 213 -21.39 18.49 20.23
C ILE B 213 -21.01 18.69 18.74
N LYS B 214 -20.45 17.65 18.14
CA LYS B 214 -20.04 17.68 16.75
C LYS B 214 -20.94 16.79 15.88
N LEU B 215 -21.37 17.30 14.74
CA LEU B 215 -22.24 16.54 13.85
C LEU B 215 -21.60 16.22 12.50
N PRO B 216 -21.17 14.96 12.31
CA PRO B 216 -20.55 14.54 11.05
C PRO B 216 -21.56 14.28 9.94
N TRP B 217 -21.05 14.09 8.73
CA TRP B 217 -21.88 13.81 7.57
C TRP B 217 -20.97 13.29 6.45
N GLY B 218 -21.57 12.57 5.51
CA GLY B 218 -20.81 12.02 4.40
C GLY B 218 -21.30 12.56 3.07
N ALA B 219 -22.61 12.74 2.96
CA ALA B 219 -23.23 13.24 1.75
C ALA B 219 -24.08 14.49 2.01
N PRO B 220 -24.18 15.38 1.02
CA PRO B 220 -24.94 16.64 1.07
C PRO B 220 -26.23 16.75 1.88
N HIS B 221 -27.19 15.85 1.68
CA HIS B 221 -28.46 15.93 2.40
C HIS B 221 -28.35 15.75 3.91
N GLU B 222 -27.27 15.09 4.34
CA GLU B 222 -27.02 14.85 5.75
C GLU B 222 -26.48 16.16 6.35
N GLU B 223 -25.71 16.88 5.54
CA GLU B 223 -25.14 18.16 5.98
C GLU B 223 -26.26 19.16 6.27
N GLU B 224 -27.33 19.09 5.49
CA GLU B 224 -28.47 20.00 5.68
C GLU B 224 -29.20 19.66 6.97
N ARG B 225 -29.29 18.37 7.28
CA ARG B 225 -29.94 17.95 8.52
C ARG B 225 -29.09 18.46 9.67
N ALA B 226 -27.80 18.15 9.61
CA ALA B 226 -26.85 18.58 10.63
C ALA B 226 -26.96 20.07 10.91
N LYS B 227 -27.07 20.87 9.84
CA LYS B 227 -27.19 22.32 9.98
C LYS B 227 -28.50 22.68 10.67
N ARG B 228 -29.56 21.93 10.41
CA ARG B 228 -30.83 22.22 11.06
C ARG B 228 -30.66 21.85 12.52
N LEU B 229 -30.13 20.66 12.77
CA LEU B 229 -29.91 20.20 14.14
C LEU B 229 -29.09 21.18 14.97
N ALA B 230 -28.10 21.81 14.35
CA ALA B 230 -27.18 22.73 15.03
C ALA B 230 -27.57 24.20 15.07
N GLU B 231 -28.67 24.54 14.40
CA GLU B 231 -29.15 25.92 14.33
C GLU B 231 -29.49 26.50 15.70
N GLY B 232 -28.81 27.57 16.09
CA GLY B 232 -29.08 28.20 17.36
C GLY B 232 -28.33 27.64 18.57
N PHE B 233 -27.52 26.61 18.37
CA PHE B 233 -26.75 26.01 19.45
C PHE B 233 -25.26 26.25 19.23
N ALA B 234 -24.71 27.22 19.96
CA ALA B 234 -23.30 27.57 19.82
C ALA B 234 -22.36 26.44 20.24
N TYR B 235 -22.87 25.48 21.00
CA TYR B 235 -22.05 24.37 21.44
C TYR B 235 -22.12 23.17 20.47
N VAL B 236 -22.73 23.38 19.31
CA VAL B 236 -22.85 22.32 18.31
C VAL B 236 -22.23 22.79 17.00
N GLU B 237 -21.25 22.07 16.49
CA GLU B 237 -20.65 22.46 15.23
C GLU B 237 -20.85 21.36 14.18
N VAL B 238 -21.09 21.79 12.94
CA VAL B 238 -21.26 20.86 11.83
C VAL B 238 -19.87 20.66 11.23
N LEU B 239 -19.33 19.46 11.39
CA LEU B 239 -18.00 19.17 10.88
C LEU B 239 -17.88 19.46 9.40
N PRO B 240 -16.66 19.78 8.94
CA PRO B 240 -16.45 20.07 7.51
C PRO B 240 -16.56 18.71 6.82
N LYS B 241 -16.59 18.67 5.49
CA LYS B 241 -16.67 17.38 4.80
C LYS B 241 -15.49 16.50 5.20
N MET B 242 -15.76 15.23 5.46
CA MET B 242 -14.70 14.31 5.85
C MET B 242 -14.77 12.91 5.29
N SER B 243 -13.61 12.28 5.28
CA SER B 243 -13.46 10.92 4.80
C SER B 243 -13.65 10.03 6.00
N LEU B 244 -13.74 8.73 5.75
CA LEU B 244 -13.92 7.76 6.81
C LEU B 244 -12.82 7.96 7.87
N GLU B 245 -11.61 8.22 7.40
CA GLU B 245 -10.46 8.45 8.27
C GLU B 245 -10.64 9.67 9.17
N GLY B 246 -11.10 10.77 8.58
CA GLY B 246 -11.30 12.00 9.32
C GLY B 246 -12.31 11.86 10.44
N VAL B 247 -13.49 11.35 10.13
CA VAL B 247 -14.53 11.18 11.12
C VAL B 247 -14.05 10.23 12.23
N ALA B 248 -13.28 9.21 11.85
CA ALA B 248 -12.77 8.24 12.82
C ALA B 248 -11.83 8.93 13.83
N ARG B 249 -11.04 9.87 13.33
CA ARG B 249 -10.10 10.61 14.16
C ARG B 249 -10.91 11.45 15.14
N VAL B 250 -12.03 12.01 14.68
CA VAL B 250 -12.89 12.82 15.52
C VAL B 250 -13.54 11.96 16.61
N LEU B 251 -14.06 10.80 16.21
CA LEU B 251 -14.69 9.89 17.13
C LEU B 251 -13.72 9.47 18.25
N ALA B 252 -12.51 9.07 17.86
CA ALA B 252 -11.51 8.65 18.83
C ALA B 252 -11.20 9.74 19.83
N GLY B 253 -11.62 10.97 19.52
CA GLY B 253 -11.38 12.08 20.41
C GLY B 253 -12.56 12.41 21.31
N ALA B 254 -13.71 11.80 21.03
CA ALA B 254 -14.92 12.06 21.82
C ALA B 254 -14.90 11.27 23.12
N LYS B 255 -15.52 11.83 24.16
CA LYS B 255 -15.63 11.16 25.46
C LYS B 255 -16.97 10.44 25.54
N PHE B 256 -17.84 10.69 24.57
CA PHE B 256 -19.18 10.10 24.55
C PHE B 256 -19.81 10.20 23.15
N VAL B 257 -20.62 9.21 22.79
CA VAL B 257 -21.27 9.18 21.49
C VAL B 257 -22.68 8.63 21.58
N VAL B 258 -23.61 9.29 20.90
CA VAL B 258 -24.99 8.85 20.82
C VAL B 258 -25.16 8.58 19.32
N SER B 259 -25.70 7.43 18.96
CA SER B 259 -25.82 7.14 17.55
C SER B 259 -26.95 6.22 17.16
N VAL B 260 -27.26 6.21 15.87
CA VAL B 260 -28.28 5.34 15.31
C VAL B 260 -27.51 4.07 14.96
N ASP B 261 -28.24 3.01 14.61
CA ASP B 261 -27.62 1.74 14.27
C ASP B 261 -26.99 1.87 12.88
N THR B 262 -25.73 2.30 12.84
CA THR B 262 -25.03 2.48 11.58
C THR B 262 -23.53 2.18 11.62
N GLY B 263 -22.96 1.88 10.46
CA GLY B 263 -21.54 1.57 10.36
C GLY B 263 -20.61 2.34 11.26
N LEU B 264 -20.67 3.67 11.20
CA LEU B 264 -19.79 4.50 12.04
C LEU B 264 -19.98 4.23 13.51
N SER B 265 -21.18 3.80 13.89
CA SER B 265 -21.48 3.47 15.27
C SER B 265 -20.54 2.36 15.69
N HIS B 266 -20.41 1.36 14.82
CA HIS B 266 -19.53 0.23 15.07
C HIS B 266 -18.10 0.68 15.25
N LEU B 267 -17.73 1.69 14.46
CA LEU B 267 -16.39 2.28 14.53
C LEU B 267 -16.13 2.83 15.93
N THR B 268 -17.11 3.53 16.48
CA THR B 268 -16.99 4.10 17.81
C THR B 268 -16.69 2.97 18.79
N ALA B 269 -17.30 1.82 18.55
CA ALA B 269 -17.08 0.65 19.40
C ALA B 269 -15.63 0.19 19.24
N ALA B 270 -15.15 0.17 18.00
CA ALA B 270 -13.79 -0.24 17.68
C ALA B 270 -12.79 0.69 18.35
N LEU B 271 -13.14 1.97 18.44
CA LEU B 271 -12.27 2.98 19.05
C LEU B 271 -12.38 2.97 20.57
N ASP B 272 -13.30 2.16 21.08
CA ASP B 272 -13.50 2.02 22.52
C ASP B 272 -14.02 3.30 23.23
N ARG B 273 -15.02 3.95 22.65
CA ARG B 273 -15.60 5.17 23.22
C ARG B 273 -17.01 4.85 23.74
N PRO B 274 -17.41 5.45 24.88
CA PRO B 274 -18.75 5.19 25.40
C PRO B 274 -19.74 5.47 24.26
N ASN B 275 -20.79 4.66 24.16
CA ASN B 275 -21.73 4.80 23.06
C ASN B 275 -23.15 4.32 23.39
N ILE B 276 -24.11 5.17 23.07
CA ILE B 276 -25.50 4.88 23.29
C ILE B 276 -26.08 4.75 21.89
N THR B 277 -26.61 3.59 21.54
CA THR B 277 -27.20 3.46 20.22
C THR B 277 -28.71 3.32 20.36
N VAL B 278 -29.45 4.13 19.61
CA VAL B 278 -30.91 4.05 19.67
C VAL B 278 -31.38 3.15 18.54
N TYR B 279 -32.09 2.08 18.91
CA TYR B 279 -32.61 1.13 17.92
C TYR B 279 -34.11 1.19 17.70
N GLY B 280 -34.49 1.04 16.44
CA GLY B 280 -35.89 1.03 16.07
C GLY B 280 -36.17 -0.35 15.49
N PRO B 281 -36.21 -0.48 14.16
CA PRO B 281 -36.49 -1.75 13.48
C PRO B 281 -35.31 -2.73 13.43
N THR B 282 -34.20 -2.40 14.07
CA THR B 282 -33.06 -3.29 14.07
C THR B 282 -32.81 -3.87 15.46
N ASP B 283 -32.10 -4.99 15.53
CA ASP B 283 -31.83 -5.64 16.81
C ASP B 283 -30.34 -5.93 17.02
N PRO B 284 -29.83 -5.67 18.24
CA PRO B 284 -28.42 -5.89 18.60
C PRO B 284 -27.97 -7.35 18.39
N ASN B 293 -19.95 -4.51 26.34
CA ASN B 293 -19.40 -3.33 27.00
C ASN B 293 -20.06 -2.06 26.50
N GLN B 294 -21.16 -2.21 25.75
CA GLN B 294 -21.82 -1.02 25.28
C GLN B 294 -23.34 -1.03 25.35
N MET B 295 -23.93 0.13 25.12
CA MET B 295 -25.35 0.32 25.34
C MET B 295 -26.40 0.44 24.25
N VAL B 296 -27.49 -0.29 24.46
CA VAL B 296 -28.61 -0.32 23.55
C VAL B 296 -29.88 0.29 24.15
N CYS B 297 -30.35 1.35 23.52
CA CYS B 297 -31.54 2.06 23.94
C CYS B 297 -32.65 1.74 22.92
N ARG B 298 -33.51 0.79 23.27
CA ARG B 298 -34.59 0.39 22.37
C ARG B 298 -35.78 1.32 22.43
N ALA B 299 -36.38 1.57 21.27
CA ALA B 299 -37.53 2.45 21.19
C ALA B 299 -38.83 1.70 21.45
N PRO B 300 -39.83 2.40 22.00
CA PRO B 300 -41.12 1.75 22.26
C PRO B 300 -41.70 1.27 20.92
N GLY B 301 -42.25 0.06 20.90
CA GLY B 301 -42.83 -0.48 19.68
C GLY B 301 -41.81 -0.62 18.56
N ASN B 302 -40.52 -0.52 18.91
CA ASN B 302 -39.44 -0.64 17.94
C ASN B 302 -39.46 0.42 16.85
N GLU B 303 -40.00 1.60 17.15
CA GLU B 303 -40.01 2.66 16.17
C GLU B 303 -39.48 3.91 16.84
N LEU B 304 -38.37 4.40 16.31
CA LEU B 304 -37.70 5.57 16.84
C LEU B 304 -38.59 6.80 17.01
N SER B 305 -39.70 6.81 16.27
CA SER B 305 -40.65 7.92 16.36
C SER B 305 -41.15 8.02 17.79
N GLN B 306 -41.25 6.87 18.45
CA GLN B 306 -41.73 6.83 19.82
C GLN B 306 -40.67 7.07 20.90
N LEU B 307 -39.39 7.16 20.49
CA LEU B 307 -38.32 7.37 21.46
C LEU B 307 -38.07 8.86 21.68
N THR B 308 -38.41 9.34 22.87
CA THR B 308 -38.25 10.75 23.19
C THR B 308 -36.83 11.07 23.65
N ALA B 309 -36.44 12.32 23.47
CA ALA B 309 -35.13 12.81 23.85
C ALA B 309 -34.98 12.74 25.37
N ASN B 310 -36.10 12.92 26.06
CA ASN B 310 -36.09 12.85 27.51
C ASN B 310 -35.86 11.41 27.95
N ALA B 311 -36.42 10.46 27.19
CA ALA B 311 -36.24 9.05 27.53
C ALA B 311 -34.79 8.63 27.30
N VAL B 312 -34.16 9.22 26.28
CA VAL B 312 -32.77 8.91 25.95
C VAL B 312 -31.84 9.51 27.01
N LYS B 313 -32.12 10.73 27.44
CA LYS B 313 -31.31 11.37 28.46
C LYS B 313 -31.37 10.50 29.71
N GLN B 314 -32.57 10.01 30.01
CA GLN B 314 -32.79 9.15 31.17
C GLN B 314 -31.96 7.89 31.02
N PHE B 315 -31.85 7.40 29.79
CA PHE B 315 -31.08 6.20 29.52
C PHE B 315 -29.61 6.51 29.78
N ILE B 316 -29.17 7.67 29.31
CA ILE B 316 -27.79 8.10 29.50
C ILE B 316 -27.47 8.24 30.99
N GLU B 317 -28.32 8.93 31.73
CA GLU B 317 -28.09 9.13 33.15
C GLU B 317 -28.03 7.81 33.91
N GLU B 318 -28.90 6.90 33.53
CA GLU B 318 -28.99 5.58 34.14
C GLU B 318 -27.76 4.72 33.82
N ASN B 319 -27.16 4.93 32.66
CA ASN B 319 -25.98 4.17 32.27
C ASN B 319 -24.70 4.98 32.44
N ALA B 320 -24.79 6.12 33.11
CA ALA B 320 -23.64 6.99 33.31
C ALA B 320 -22.45 6.28 33.96
N GLU B 321 -22.69 5.55 35.05
CA GLU B 321 -21.60 4.86 35.72
C GLU B 321 -20.86 3.95 34.75
N LYS B 322 -21.62 3.09 34.05
CA LYS B 322 -21.07 2.16 33.07
C LYS B 322 -20.25 2.86 31.99
N ALA B 323 -20.82 3.91 31.40
CA ALA B 323 -20.16 4.66 30.35
C ALA B 323 -18.88 5.32 30.87
N ALA B 324 -18.98 5.92 32.05
CA ALA B 324 -17.82 6.58 32.66
C ALA B 324 -16.76 5.53 33.01
N MET B 325 -17.20 4.31 33.29
CA MET B 325 -16.31 3.21 33.64
C MET B 325 -15.20 2.97 32.64
N ILE B 326 -15.17 3.78 31.58
CA ILE B 326 -14.13 3.72 30.56
C ILE B 326 -13.99 5.09 29.91
PB ADP C . 7.90 4.26 -15.00
O1B ADP C . 6.66 5.00 -14.59
O2B ADP C . 8.46 3.20 -13.92
O3B ADP C . 7.61 3.60 -16.27
PA ADP C . 10.53 5.26 -15.63
O1A ADP C . 11.21 6.10 -14.69
O2A ADP C . 11.17 3.94 -15.67
O3A ADP C . 9.02 5.25 -15.23
O5' ADP C . 10.50 5.98 -17.04
C5' ADP C . 9.94 7.28 -17.43
C4' ADP C . 9.93 8.25 -16.25
O4' ADP C . 11.22 8.52 -15.65
C3' ADP C . 9.37 9.54 -16.76
O3' ADP C . 8.35 10.13 -15.95
C2' ADP C . 10.62 10.34 -16.95
O2' ADP C . 10.48 11.76 -17.06
C1' ADP C . 11.50 9.92 -15.79
N9 ADP C . 12.93 10.27 -16.15
C8 ADP C . 13.79 9.53 -16.89
N7 ADP C . 14.95 10.17 -16.98
C5 ADP C . 14.86 11.31 -16.34
C6 ADP C . 15.74 12.41 -16.07
N6 ADP C . 16.97 12.36 -16.57
N1 ADP C . 15.32 13.48 -15.31
C2 ADP C . 14.07 13.53 -14.80
N3 ADP C . 13.21 12.48 -15.05
C4 ADP C . 13.55 11.38 -15.79
PB ADP D . -25.82 1.34 7.58
O1B ADP D . -27.21 1.86 7.50
O2B ADP D . -25.22 1.19 9.07
O3B ADP D . -25.74 0.04 6.91
PA ADP D . -23.29 2.40 6.59
O1A ADP D . -22.73 3.20 7.65
O2A ADP D . -22.59 1.11 6.51
O3A ADP D . -24.84 2.30 6.87
O5' ADP D . -23.25 3.24 5.24
C5' ADP D . -23.87 4.54 4.94
C4' ADP D . -23.76 5.46 6.14
O4' ADP D . -22.42 5.71 6.65
C3' ADP D . -24.37 6.76 5.77
O3' ADP D . -25.30 7.27 6.72
C2' ADP D . -23.14 7.60 5.52
O2' ADP D . -23.32 9.02 5.52
C1' ADP D . -22.21 7.12 6.58
N9 ADP D . -20.82 7.56 6.22
C8 ADP D . -19.97 6.98 5.34
N7 ADP D . -18.83 7.65 5.30
C5 ADP D . -18.91 8.65 6.15
C6 ADP D . -18.06 9.70 6.54
N6 ADP D . -16.84 9.77 6.00
N1 ADP D . -18.46 10.63 7.48
C2 ADP D . -19.70 10.56 8.05
N3 ADP D . -20.53 9.56 7.66
C4 ADP D . -20.20 8.60 6.74
#